data_3EJQ
#
_entry.id   3EJQ
#
_cell.length_a   68.987
_cell.length_b   109.605
_cell.length_c   138.260
_cell.angle_alpha   90.000
_cell.angle_beta   90.000
_cell.angle_gamma   90.000
#
_symmetry.space_group_name_H-M   'P 21 21 21'
#
loop_
_entity.id
_entity.type
_entity.pdbx_description
1 polymer 'Alpha-mannosidase 2'
2 non-polymer 2-acetamido-2-deoxy-beta-D-glucopyranose
3 non-polymer 'ZINC ION'
4 non-polymer (4R)-2-METHYLPENTANE-2,4-DIOL
5 non-polymer 1-(4-methylphenyl)-2-[(1S,2R,5R,8R,8aR)-1,2,8-trihydroxyoctahydroindolizin-5-yl]ethanone
6 water water
#
_entity_poly.entity_id   1
_entity_poly.type   'polypeptide(L)'
_entity_poly.pdbx_seq_one_letter_code
;RSSHHHHHHGEFDDPIRPPLKVARSPRPGQCQDVVQDVPNVDVQMLELYDRMSFKDIDGGVWKQGWNIKYDPLKYNAHHK
LKVFVVPHSHNDPGWIQTFEEYYQHDTKHILSNALRHLHDNPEMKFIWAEISYFARFYHDLGENKKLQMKSIVKNGQLEF
VTGGWVMPDEANSHWRNVLLQLTEGQTWLKQFMNVTPTASWAIDPFGHSPTMPYILQKSGFKNMLIQRTHYSVKKELAQQ
RQLEFLWRQIWDNKGDTALFTHMMPFYSYDIPHTCGPDPKVCCQFDFKRMGSFGLSCPWKVPPRTISDQNVAARSDLLVD
QWKKKAELYRTNVLLIPLGDDFRFKQNTEWDVQRVNYERLFEHINSQAHFNVQAQFGTLQEYFDAVHQAERAGQAEFPTL
SGDFFTYADRSDNYWSGYYTSRPYHKRMDRVLMHYVRAAEMLSAWHSWDGMARIEERLEQARRELSLFQHHDGITGTAKT
HVVVDYEQRMQEALKACQMVMQQSVYRLLTKPSIYSPDFSFSYFTLDDSRWPGSGVEDSRTTIILGEDILPSKHVVMHNT
LPHWREQLVDFYVSSPFVSVTDLANNPVEAQVSPVWSWHHDTLTKTIHPQGSTTKYRIIFKARVPPMGLATYVLTISDSK
PEHTSYASNLLLRKNPTSLPLGQYPEDVKFGDPREISLRVGNGPTLAFSEQGLLKSIQLTQDSPHVPVHFKFLKYGVRSH
GDRSGAYLFLPNGPASPVELGQPVVLVTKGKLESSVSVGLPSVVHQTIMRGGAPEIRNLVDIGSLDNTEIVMRLETHIDS
GDIFYTDLNGLQFIKRRRLDKLPLQANYYPIPSGMFIEDANTRLTLLTGQPLGGSSLASGELEIMQDRRLASDDERGLGQ
GVLDNKPVLHIYRLVLEKVNNCVRPSKLHPAGYLTSAAHKASQSLLDPLDKFIFAENEWIGAQGQFGGDHPSAREDLDVS
VMRRLTKSSAKTQRVGYVLHRTNLMQCGTPEEHTQKLDVCHLLPNVARCERTTLTFLQNLEHLDGMVAPEVCPMETAAYV
SSHSS
;
_entity_poly.pdbx_strand_id   A
#
# COMPACT_ATOMS: atom_id res chain seq x y z
N GLN A 30 -13.65 -26.52 -11.19
CA GLN A 30 -12.35 -25.87 -11.48
C GLN A 30 -12.07 -24.74 -10.49
N CYS A 31 -12.52 -23.53 -10.82
CA CYS A 31 -12.33 -22.37 -9.93
C CYS A 31 -13.38 -22.36 -8.83
N GLN A 32 -12.96 -22.08 -7.60
CA GLN A 32 -13.89 -21.76 -6.50
C GLN A 32 -14.81 -20.60 -6.87
N ASP A 33 -16.07 -20.71 -6.50
CA ASP A 33 -17.02 -19.60 -6.59
C ASP A 33 -16.77 -18.65 -5.42
N VAL A 34 -16.30 -17.44 -5.71
CA VAL A 34 -15.94 -16.48 -4.65
C VAL A 34 -17.10 -15.57 -4.23
N VAL A 35 -18.26 -15.81 -4.82
CA VAL A 35 -19.42 -14.96 -4.58
C VAL A 35 -20.54 -15.66 -3.84
N GLN A 36 -20.85 -16.90 -4.25
CA GLN A 36 -22.12 -17.53 -3.86
C GLN A 36 -22.07 -18.51 -2.70
N ASP A 37 -20.85 -18.86 -2.25
CA ASP A 37 -20.67 -19.82 -1.16
C ASP A 37 -20.00 -19.14 0.05
N VAL A 38 -20.76 -18.95 1.13
CA VAL A 38 -20.20 -18.34 2.35
C VAL A 38 -19.30 -19.36 3.09
N PRO A 39 -18.01 -19.05 3.23
CA PRO A 39 -17.15 -19.98 3.99
C PRO A 39 -17.62 -20.23 5.43
N ASN A 40 -17.44 -21.48 5.87
CA ASN A 40 -17.74 -21.84 7.22
C ASN A 40 -16.42 -21.82 8.00
N VAL A 41 -16.28 -20.86 8.92
CA VAL A 41 -15.03 -20.71 9.69
C VAL A 41 -15.40 -20.62 11.16
N ASP A 42 -14.49 -21.01 12.04
CA ASP A 42 -14.73 -20.95 13.48
C ASP A 42 -14.84 -19.51 13.99
N VAL A 43 -14.02 -18.61 13.44
CA VAL A 43 -14.01 -17.22 13.83
C VAL A 43 -14.07 -16.38 12.55
N GLN A 44 -15.09 -15.54 12.44
CA GLN A 44 -15.22 -14.63 11.32
C GLN A 44 -15.23 -13.25 11.94
N MET A 45 -14.23 -12.42 11.62
CA MET A 45 -13.99 -11.22 12.44
C MET A 45 -15.14 -10.19 12.42
N LEU A 46 -15.87 -10.08 11.31
CA LEU A 46 -17.06 -9.21 11.29
C LEU A 46 -18.13 -9.72 12.25
N GLU A 47 -18.33 -11.05 12.26
CA GLU A 47 -19.33 -11.64 13.15
C GLU A 47 -18.88 -11.45 14.59
N LEU A 48 -17.60 -11.68 14.84
CA LEU A 48 -17.05 -11.48 16.17
C LEU A 48 -17.24 -10.06 16.67
N TYR A 49 -16.93 -9.10 15.81
CA TYR A 49 -17.12 -7.69 16.14
C TYR A 49 -18.57 -7.35 16.52
N ASP A 50 -19.51 -7.97 15.83
CA ASP A 50 -20.93 -7.71 16.08
C ASP A 50 -21.33 -8.20 17.49
N ARG A 51 -20.78 -9.33 17.91
CA ARG A 51 -21.06 -9.93 19.26
C ARG A 51 -20.29 -9.35 20.44
N MET A 52 -19.03 -8.98 20.25
CA MET A 52 -18.17 -8.54 21.36
C MET A 52 -18.65 -7.24 21.99
N SER A 53 -18.42 -7.07 23.28
CA SER A 53 -18.83 -5.84 23.98
C SER A 53 -17.76 -4.72 24.07
N PHE A 54 -16.50 -5.09 23.88
CA PHE A 54 -15.37 -4.14 23.92
C PHE A 54 -15.23 -3.38 25.25
N LYS A 55 -15.68 -3.95 26.35
CA LYS A 55 -15.49 -3.25 27.63
C LYS A 55 -14.05 -3.19 28.03
N ASP A 56 -13.61 -2.05 28.53
CA ASP A 56 -12.23 -1.84 28.86
C ASP A 56 -12.07 -1.92 30.39
N ILE A 57 -12.09 -3.14 30.92
CA ILE A 57 -12.01 -3.30 32.36
C ILE A 57 -10.60 -3.64 32.83
N ASP A 58 -10.28 -3.21 34.06
CA ASP A 58 -8.98 -3.46 34.64
C ASP A 58 -8.94 -4.94 34.98
N GLY A 59 -8.10 -5.69 34.27
CA GLY A 59 -8.00 -7.13 34.48
C GLY A 59 -6.99 -7.55 35.53
N GLY A 60 -6.39 -6.57 36.21
CA GLY A 60 -5.35 -6.84 37.22
C GLY A 60 -3.99 -6.55 36.63
N VAL A 61 -3.00 -7.37 37.00
CA VAL A 61 -1.64 -7.22 36.47
C VAL A 61 -1.64 -7.35 34.93
N TRP A 62 -2.41 -8.28 34.40
CA TRP A 62 -2.65 -8.27 32.96
C TRP A 62 -3.79 -7.29 32.77
N LYS A 63 -3.43 -6.03 32.49
CA LYS A 63 -4.42 -4.93 32.62
C LYS A 63 -5.61 -5.13 31.68
N GLN A 64 -5.38 -5.77 30.55
CA GLN A 64 -6.44 -5.93 29.56
C GLN A 64 -6.95 -7.36 29.42
N GLY A 65 -6.60 -8.20 30.40
CA GLY A 65 -7.08 -9.58 30.40
C GLY A 65 -7.75 -9.94 31.71
N TRP A 66 -7.27 -11.03 32.31
CA TRP A 66 -7.75 -11.49 33.62
C TRP A 66 -6.63 -12.17 34.37
N ASN A 67 -6.88 -12.58 35.63
CA ASN A 67 -5.87 -13.31 36.41
C ASN A 67 -5.85 -14.76 35.96
N ILE A 68 -4.81 -15.12 35.22
CA ILE A 68 -4.76 -16.45 34.63
C ILE A 68 -4.49 -17.49 35.71
N LYS A 69 -5.24 -18.58 35.67
CA LYS A 69 -5.02 -19.72 36.57
C LYS A 69 -4.65 -20.96 35.78
N TYR A 70 -3.81 -21.82 36.35
CA TYR A 70 -3.45 -23.06 35.70
C TYR A 70 -3.43 -24.19 36.72
N ASP A 71 -3.59 -25.42 36.23
CA ASP A 71 -3.49 -26.61 37.07
C ASP A 71 -2.02 -27.02 37.09
N PRO A 72 -1.37 -26.93 38.26
CA PRO A 72 0.05 -27.31 38.33
C PRO A 72 0.31 -28.74 37.83
N LEU A 73 -0.69 -29.61 37.91
CA LEU A 73 -0.50 -31.00 37.50
C LEU A 73 -0.67 -31.24 35.99
N LYS A 74 -0.94 -30.17 35.23
CA LYS A 74 -1.07 -30.31 33.78
C LYS A 74 0.23 -30.81 33.14
N TYR A 75 1.35 -30.31 33.63
CA TYR A 75 2.64 -30.73 33.12
C TYR A 75 3.25 -31.73 34.11
N ASN A 76 3.82 -32.82 33.60
CA ASN A 76 4.44 -33.90 34.39
C ASN A 76 5.61 -34.53 33.62
N ALA A 77 6.23 -35.59 34.15
CA ALA A 77 7.41 -36.19 33.49
C ALA A 77 7.15 -36.64 32.04
N HIS A 78 5.92 -37.04 31.77
CA HIS A 78 5.54 -37.56 30.44
C HIS A 78 4.97 -36.48 29.53
N HIS A 79 4.73 -35.30 30.09
CA HIS A 79 4.15 -34.19 29.32
C HIS A 79 4.75 -32.89 29.85
N LYS A 80 5.91 -32.52 29.31
CA LYS A 80 6.62 -31.32 29.73
C LYS A 80 6.22 -30.12 28.90
N LEU A 81 6.37 -28.95 29.50
CA LEU A 81 6.23 -27.70 28.76
C LEU A 81 7.54 -27.36 28.07
N LYS A 82 7.54 -27.28 26.74
CA LYS A 82 8.76 -26.95 25.99
C LYS A 82 8.75 -25.47 25.68
N VAL A 83 9.79 -24.79 26.15
CA VAL A 83 9.82 -23.34 26.06
C VAL A 83 10.95 -22.89 25.16
N PHE A 84 10.60 -22.09 24.14
CA PHE A 84 11.59 -21.51 23.22
C PHE A 84 11.70 -20.01 23.45
N VAL A 85 12.86 -19.59 23.97
CA VAL A 85 13.16 -18.17 24.17
C VAL A 85 13.87 -17.70 22.90
N VAL A 86 13.25 -16.74 22.21
CA VAL A 86 13.67 -16.34 20.88
C VAL A 86 14.21 -14.90 20.88
N PRO A 87 15.55 -14.75 20.96
CA PRO A 87 16.13 -13.40 20.96
C PRO A 87 15.91 -12.68 19.64
N HIS A 88 15.59 -11.39 19.74
CA HIS A 88 15.28 -10.57 18.57
C HIS A 88 15.64 -9.10 18.81
N SER A 89 15.68 -8.34 17.72
CA SER A 89 16.04 -6.93 17.78
C SER A 89 15.21 -6.23 16.71
N HIS A 90 14.27 -5.38 17.13
CA HIS A 90 13.40 -4.69 16.18
C HIS A 90 14.13 -3.45 15.61
N ASN A 91 14.44 -3.49 14.31
CA ASN A 91 15.23 -2.43 13.66
C ASN A 91 14.38 -1.72 12.63
N ASP A 92 14.00 -0.47 12.91
CA ASP A 92 13.18 0.29 11.96
C ASP A 92 14.07 0.92 10.90
N PRO A 93 13.78 0.66 9.61
CA PRO A 93 14.46 1.33 8.48
C PRO A 93 13.98 2.77 8.31
N GLY A 94 14.24 3.56 9.34
CA GLY A 94 13.78 4.94 9.44
C GLY A 94 12.62 5.05 10.43
N TRP A 95 12.73 6.04 11.32
CA TRP A 95 11.61 6.44 12.20
C TRP A 95 11.98 7.78 12.89
N ILE A 96 12.68 7.72 14.02
CA ILE A 96 13.25 8.89 14.72
C ILE A 96 14.56 9.35 14.08
N GLN A 97 15.22 8.42 13.40
CA GLN A 97 16.43 8.71 12.63
C GLN A 97 16.20 8.16 11.23
N THR A 98 17.03 8.56 10.27
CA THR A 98 16.95 8.00 8.92
C THR A 98 17.52 6.57 8.93
N PHE A 99 17.25 5.83 7.86
CA PHE A 99 17.88 4.52 7.66
C PHE A 99 19.39 4.56 7.91
N GLU A 100 20.06 5.53 7.26
CA GLU A 100 21.53 5.57 7.32
C GLU A 100 22.01 5.99 8.71
N GLU A 101 21.29 6.92 9.36
CA GLU A 101 21.64 7.30 10.73
C GLU A 101 21.53 6.10 11.69
N TYR A 102 20.43 5.37 11.59
CA TYR A 102 20.29 4.21 12.47
C TYR A 102 21.33 3.12 12.15
N TYR A 103 21.66 2.96 10.87
CA TYR A 103 22.63 1.97 10.47
C TYR A 103 24.00 2.27 11.09
N GLN A 104 24.39 3.54 11.03
CA GLN A 104 25.69 3.96 11.57
C GLN A 104 25.74 3.93 13.08
N HIS A 105 24.65 4.35 13.71
CA HIS A 105 24.63 4.48 15.18
C HIS A 105 24.28 3.20 15.91
N ASP A 106 23.43 2.35 15.30
CA ASP A 106 22.89 1.18 16.00
C ASP A 106 23.04 -0.14 15.26
N THR A 107 22.43 -0.23 14.08
CA THR A 107 22.29 -1.53 13.41
C THR A 107 23.62 -2.20 13.02
N LYS A 108 24.61 -1.41 12.59
CA LYS A 108 25.86 -2.06 12.18
C LYS A 108 26.55 -2.69 13.39
N HIS A 109 26.36 -2.09 14.55
CA HIS A 109 26.90 -2.64 15.79
C HIS A 109 26.14 -3.87 16.27
N ILE A 110 24.83 -3.82 16.13
CA ILE A 110 23.99 -4.99 16.44
C ILE A 110 24.41 -6.20 15.59
N LEU A 111 24.51 -5.99 14.29
CA LEU A 111 24.85 -7.13 13.40
C LEU A 111 26.28 -7.60 13.60
N SER A 112 27.18 -6.66 13.86
CA SER A 112 28.59 -7.04 14.10
C SER A 112 28.72 -7.86 15.37
N ASN A 113 28.04 -7.40 16.42
CA ASN A 113 28.11 -8.11 17.69
C ASN A 113 27.32 -9.41 17.68
N ALA A 114 26.24 -9.46 16.89
CA ALA A 114 25.51 -10.73 16.68
C ALA A 114 26.43 -11.77 16.04
N LEU A 115 27.15 -11.37 15.00
CA LEU A 115 28.07 -12.26 14.35
C LEU A 115 29.11 -12.82 15.33
N ARG A 116 29.71 -11.94 16.13
CA ARG A 116 30.75 -12.34 17.07
C ARG A 116 30.19 -13.30 18.15
N HIS A 117 29.11 -12.87 18.79
CA HIS A 117 28.53 -13.59 19.92
C HIS A 117 27.90 -14.93 19.53
N LEU A 118 27.20 -14.97 18.41
CA LEU A 118 26.67 -16.25 17.92
C LEU A 118 27.80 -17.20 17.51
N HIS A 119 28.79 -16.68 16.80
CA HIS A 119 29.95 -17.48 16.47
C HIS A 119 30.55 -18.13 17.73
N ASP A 120 30.72 -17.32 18.78
CA ASP A 120 31.40 -17.76 20.02
C ASP A 120 30.56 -18.60 20.99
N ASN A 121 29.24 -18.54 20.83
CA ASN A 121 28.30 -19.20 21.74
C ASN A 121 27.31 -20.04 20.96
N PRO A 122 27.67 -21.30 20.64
CA PRO A 122 26.91 -22.12 19.67
C PRO A 122 25.45 -22.40 20.00
N GLU A 123 25.03 -22.29 21.26
CA GLU A 123 23.62 -22.53 21.61
C GLU A 123 22.79 -21.27 21.59
N MET A 124 23.44 -20.11 21.48
CA MET A 124 22.69 -18.85 21.40
C MET A 124 22.03 -18.76 20.02
N LYS A 125 20.86 -18.12 19.98
CA LYS A 125 20.05 -17.96 18.75
C LYS A 125 19.63 -16.51 18.58
N PHE A 126 19.23 -16.15 17.36
CA PHE A 126 18.83 -14.78 17.07
C PHE A 126 18.04 -14.83 15.77
N ILE A 127 16.95 -14.07 15.73
CA ILE A 127 16.19 -13.90 14.48
C ILE A 127 16.33 -12.50 13.92
N TRP A 128 16.28 -12.39 12.59
CA TRP A 128 16.44 -11.11 11.89
C TRP A 128 15.39 -10.93 10.82
N ALA A 129 14.75 -9.76 10.79
CA ALA A 129 13.65 -9.51 9.85
C ALA A 129 13.96 -8.59 8.67
N GLU A 130 14.69 -7.49 8.89
CA GLU A 130 14.76 -6.39 7.92
C GLU A 130 15.97 -6.56 7.00
N ILE A 131 15.71 -7.04 5.79
CA ILE A 131 16.81 -7.38 4.88
C ILE A 131 17.50 -6.12 4.31
N SER A 132 16.79 -5.00 4.25
CA SER A 132 17.45 -3.74 3.85
C SER A 132 18.70 -3.46 4.67
N TYR A 133 18.57 -3.58 5.99
CA TYR A 133 19.72 -3.42 6.88
C TYR A 133 20.74 -4.54 6.69
N PHE A 134 20.25 -5.78 6.59
CA PHE A 134 21.19 -6.89 6.54
C PHE A 134 22.08 -6.82 5.28
N ALA A 135 21.47 -6.50 4.13
CA ALA A 135 22.21 -6.36 2.89
C ALA A 135 23.24 -5.21 3.00
N ARG A 136 22.84 -4.10 3.62
CA ARG A 136 23.69 -2.91 3.81
C ARG A 136 24.93 -3.34 4.59
N PHE A 137 24.73 -4.18 5.60
CA PHE A 137 25.80 -4.67 6.47
C PHE A 137 26.72 -5.67 5.78
N TYR A 138 26.09 -6.69 5.20
CA TYR A 138 26.82 -7.82 4.61
C TYR A 138 27.75 -7.36 3.48
N HIS A 139 27.30 -6.41 2.67
CA HIS A 139 28.16 -5.94 1.58
C HIS A 139 29.37 -5.16 2.07
N ASP A 140 29.33 -4.66 3.30
CA ASP A 140 30.48 -3.97 3.88
C ASP A 140 31.43 -4.90 4.61
N LEU A 141 31.06 -6.17 4.74
CA LEU A 141 31.90 -7.17 5.41
C LEU A 141 33.02 -7.68 4.52
N GLY A 142 34.18 -7.91 5.13
CA GLY A 142 35.25 -8.65 4.46
C GLY A 142 34.87 -10.11 4.28
N GLU A 143 35.56 -10.77 3.37
CA GLU A 143 35.23 -12.13 2.98
C GLU A 143 35.30 -13.11 4.15
N ASN A 144 36.27 -12.94 5.06
CA ASN A 144 36.35 -13.82 6.22
C ASN A 144 35.05 -13.79 7.05
N LYS A 145 34.60 -12.58 7.34
CA LYS A 145 33.37 -12.38 8.11
C LYS A 145 32.13 -12.79 7.34
N LYS A 146 32.10 -12.58 6.01
CA LYS A 146 30.99 -13.11 5.19
C LYS A 146 30.85 -14.62 5.38
N LEU A 147 31.98 -15.32 5.33
CA LEU A 147 31.99 -16.79 5.51
C LEU A 147 31.52 -17.18 6.91
N GLN A 148 31.98 -16.46 7.94
CA GLN A 148 31.49 -16.67 9.31
C GLN A 148 29.99 -16.50 9.39
N MET A 149 29.48 -15.44 8.76
CA MET A 149 28.03 -15.13 8.73
C MET A 149 27.24 -16.26 8.05
N LYS A 150 27.73 -16.70 6.89
CA LYS A 150 27.06 -17.79 6.17
C LYS A 150 26.98 -19.04 7.01
N SER A 151 28.02 -19.28 7.79
CA SER A 151 28.08 -20.48 8.63
C SER A 151 27.08 -20.46 9.79
N ILE A 152 26.89 -19.30 10.44
CA ILE A 152 25.92 -19.23 11.53
C ILE A 152 24.48 -19.21 11.01
N VAL A 153 24.28 -18.87 9.73
CA VAL A 153 22.95 -19.00 9.13
C VAL A 153 22.73 -20.48 8.73
N LYS A 154 23.73 -21.04 8.05
CA LYS A 154 23.65 -22.45 7.65
C LYS A 154 23.38 -23.40 8.82
N ASN A 155 24.02 -23.16 9.97
CA ASN A 155 23.85 -24.01 11.15
C ASN A 155 22.63 -23.67 12.01
N GLY A 156 21.83 -22.70 11.61
CA GLY A 156 20.59 -22.41 12.32
C GLY A 156 20.63 -21.49 13.54
N GLN A 157 21.79 -20.90 13.83
CA GLN A 157 21.87 -19.94 14.95
C GLN A 157 21.23 -18.58 14.64
N LEU A 158 21.53 -18.05 13.46
CA LEU A 158 20.89 -16.83 12.98
C LEU A 158 19.85 -17.24 11.95
N GLU A 159 18.60 -16.85 12.20
CA GLU A 159 17.52 -17.22 11.27
C GLU A 159 16.74 -16.01 10.81
N PHE A 160 16.53 -15.96 9.50
CA PHE A 160 15.78 -14.87 8.92
C PHE A 160 14.31 -15.19 9.02
N VAL A 161 13.57 -14.19 9.47
CA VAL A 161 12.12 -14.27 9.57
C VAL A 161 11.50 -13.28 8.60
N THR A 162 10.51 -13.78 7.86
CA THR A 162 9.92 -13.09 6.68
C THR A 162 10.92 -12.90 5.53
N GLY A 163 11.96 -12.13 5.80
CA GLY A 163 12.99 -11.91 4.78
C GLY A 163 12.60 -10.83 3.77
N GLY A 164 11.65 -9.97 4.10
CA GLY A 164 11.38 -8.83 3.24
C GLY A 164 12.41 -7.72 3.42
N TRP A 165 12.45 -6.79 2.47
CA TRP A 165 13.32 -5.64 2.61
C TRP A 165 12.98 -4.90 3.92
N VAL A 166 11.70 -4.87 4.26
CA VAL A 166 11.22 -4.21 5.48
C VAL A 166 10.17 -5.07 6.16
N MET A 167 9.63 -4.59 7.29
CA MET A 167 8.41 -5.17 7.88
C MET A 167 7.32 -4.16 7.56
N PRO A 168 6.57 -4.39 6.45
CA PRO A 168 5.73 -3.30 5.95
C PRO A 168 4.50 -2.95 6.78
N ASP A 169 4.07 -1.71 6.66
CA ASP A 169 2.70 -1.35 6.97
C ASP A 169 1.75 -2.34 6.28
N GLU A 170 0.62 -2.63 6.93
CA GLU A 170 -0.37 -3.52 6.32
C GLU A 170 -1.68 -2.79 5.96
N ALA A 171 -1.77 -1.50 6.32
CA ALA A 171 -3.01 -0.72 6.09
C ALA A 171 -3.00 0.03 4.76
N ASN A 172 -1.96 0.84 4.56
CA ASN A 172 -1.88 1.72 3.41
C ASN A 172 -1.18 1.12 2.20
N SER A 173 -0.40 0.06 2.45
CA SER A 173 0.44 -0.51 1.38
C SER A 173 -0.38 -1.24 0.34
N HIS A 174 0.01 -1.06 -0.92
CA HIS A 174 -0.61 -1.79 -2.00
C HIS A 174 -0.03 -3.20 -2.04
N TRP A 175 -0.86 -4.23 -2.28
CA TRP A 175 -0.36 -5.60 -2.32
C TRP A 175 0.82 -5.74 -3.31
N ARG A 176 0.77 -5.00 -4.44
CA ARG A 176 1.86 -5.11 -5.40
C ARG A 176 3.19 -4.70 -4.74
N ASN A 177 3.16 -3.68 -3.87
CA ASN A 177 4.40 -3.21 -3.22
C ASN A 177 4.80 -4.08 -2.04
N VAL A 178 3.81 -4.68 -1.39
CA VAL A 178 4.12 -5.69 -0.37
C VAL A 178 4.88 -6.86 -1.04
N LEU A 179 4.40 -7.31 -2.21
CA LEU A 179 5.11 -8.37 -2.93
C LEU A 179 6.50 -7.89 -3.41
N LEU A 180 6.57 -6.64 -3.90
CA LEU A 180 7.84 -6.10 -4.39
C LEU A 180 8.91 -6.18 -3.32
N GLN A 181 8.57 -5.69 -2.12
CA GLN A 181 9.57 -5.62 -1.04
C GLN A 181 9.92 -7.01 -0.49
N LEU A 182 8.93 -7.91 -0.47
CA LEU A 182 9.18 -9.31 -0.07
C LEU A 182 10.15 -9.96 -1.05
N THR A 183 9.91 -9.72 -2.34
CA THR A 183 10.76 -10.29 -3.36
C THR A 183 12.18 -9.70 -3.29
N GLU A 184 12.28 -8.40 -3.02
CA GLU A 184 13.60 -7.76 -2.96
C GLU A 184 14.46 -8.42 -1.87
N GLY A 185 13.88 -8.59 -0.69
CA GLY A 185 14.61 -9.16 0.42
C GLY A 185 14.90 -10.63 0.18
N GLN A 186 13.90 -11.36 -0.31
CA GLN A 186 14.08 -12.81 -0.43
C GLN A 186 15.04 -13.16 -1.59
N THR A 187 15.03 -12.35 -2.64
CA THR A 187 15.95 -12.59 -3.75
C THR A 187 17.39 -12.39 -3.27
N TRP A 188 17.59 -11.35 -2.46
CA TRP A 188 18.89 -11.11 -1.84
C TRP A 188 19.30 -12.32 -0.96
N LEU A 189 18.37 -12.78 -0.11
CA LEU A 189 18.68 -13.91 0.79
C LEU A 189 19.02 -15.19 0.04
N LYS A 190 18.32 -15.47 -1.05
CA LYS A 190 18.61 -16.71 -1.80
C LYS A 190 20.00 -16.61 -2.44
N GLN A 191 20.31 -15.44 -3.00
CA GLN A 191 21.59 -15.26 -3.70
C GLN A 191 22.77 -15.32 -2.75
N PHE A 192 22.67 -14.63 -1.62
CA PHE A 192 23.84 -14.46 -0.75
C PHE A 192 23.92 -15.38 0.46
N MET A 193 22.76 -15.81 0.97
CA MET A 193 22.67 -16.62 2.20
C MET A 193 22.13 -18.02 1.92
N ASN A 194 21.68 -18.27 0.68
CA ASN A 194 21.11 -19.57 0.31
C ASN A 194 19.98 -20.07 1.23
N VAL A 195 19.10 -19.14 1.63
CA VAL A 195 17.93 -19.52 2.42
C VAL A 195 16.71 -18.74 1.94
N THR A 196 15.54 -19.36 2.09
CA THR A 196 14.25 -18.71 1.88
C THR A 196 13.35 -18.94 3.10
N PRO A 197 13.10 -17.90 3.91
CA PRO A 197 12.20 -18.06 5.09
C PRO A 197 10.81 -18.54 4.72
N THR A 198 10.28 -19.41 5.58
CA THR A 198 8.93 -19.90 5.45
C THR A 198 8.10 -19.53 6.69
N ALA A 199 8.69 -18.77 7.64
CA ALA A 199 7.95 -18.23 8.77
C ALA A 199 8.06 -16.71 8.74
N SER A 200 6.94 -16.03 8.94
CA SER A 200 6.92 -14.56 8.94
C SER A 200 6.75 -14.00 10.36
N TRP A 201 7.33 -12.83 10.59
CA TRP A 201 7.35 -12.15 11.91
C TRP A 201 6.97 -10.71 11.69
N ALA A 202 5.77 -10.31 12.16
CA ALA A 202 5.26 -8.93 12.00
C ALA A 202 4.78 -8.43 13.37
N ILE A 203 5.72 -7.89 14.13
CA ILE A 203 5.47 -7.52 15.52
C ILE A 203 5.06 -6.05 15.71
N ASP A 204 5.24 -5.19 14.68
CA ASP A 204 5.02 -3.76 14.86
C ASP A 204 3.99 -3.04 13.96
N PRO A 205 3.58 -3.60 12.79
CA PRO A 205 2.55 -2.83 12.02
C PRO A 205 1.28 -2.59 12.82
N PHE A 206 0.59 -1.48 12.54
CA PHE A 206 -0.47 -1.02 13.45
C PHE A 206 -1.85 -1.58 13.03
N GLY A 207 -2.04 -2.86 13.34
CA GLY A 207 -3.14 -3.63 12.83
C GLY A 207 -2.66 -4.51 11.67
N HIS A 208 -3.41 -5.56 11.37
CA HIS A 208 -2.96 -6.57 10.41
C HIS A 208 -3.98 -6.92 9.35
N SER A 209 -3.45 -7.19 8.16
CA SER A 209 -4.27 -7.46 6.97
C SER A 209 -4.15 -8.90 6.46
N PRO A 210 -5.28 -9.51 6.03
CA PRO A 210 -5.22 -10.86 5.43
C PRO A 210 -4.50 -10.87 4.07
N THR A 211 -4.17 -9.69 3.53
CA THR A 211 -3.34 -9.68 2.33
C THR A 211 -1.98 -10.32 2.60
N MET A 212 -1.51 -10.23 3.84
CA MET A 212 -0.23 -10.85 4.15
C MET A 212 -0.25 -12.39 4.01
N PRO A 213 -1.16 -13.10 4.72
CA PRO A 213 -1.17 -14.57 4.48
C PRO A 213 -1.45 -14.91 3.03
N TYR A 214 -2.24 -14.08 2.32
CA TYR A 214 -2.49 -14.33 0.90
C TYR A 214 -1.18 -14.41 0.11
N ILE A 215 -0.38 -13.37 0.25
CA ILE A 215 0.90 -13.30 -0.46
C ILE A 215 1.90 -14.33 0.06
N LEU A 216 1.97 -14.45 1.38
CA LEU A 216 2.94 -15.38 1.96
C LEU A 216 2.68 -16.84 1.58
N GLN A 217 1.41 -17.23 1.61
CA GLN A 217 1.07 -18.62 1.33
C GLN A 217 1.36 -18.96 -0.14
N LYS A 218 1.26 -17.97 -1.01
CA LYS A 218 1.61 -18.12 -2.43
C LYS A 218 3.11 -17.92 -2.71
N SER A 219 3.88 -17.70 -1.64
CA SER A 219 5.32 -17.48 -1.71
C SER A 219 6.08 -18.50 -0.85
N GLY A 220 5.46 -19.68 -0.67
CA GLY A 220 6.10 -20.82 0.04
C GLY A 220 6.03 -20.83 1.56
N PHE A 221 5.37 -19.84 2.17
CA PHE A 221 5.35 -19.78 3.64
C PHE A 221 4.44 -20.83 4.23
N LYS A 222 4.78 -21.20 5.46
CA LYS A 222 4.00 -22.18 6.21
C LYS A 222 3.44 -21.63 7.51
N ASN A 223 3.98 -20.50 7.98
CA ASN A 223 3.58 -19.97 9.29
C ASN A 223 3.80 -18.46 9.33
N MET A 224 2.97 -17.75 10.12
CA MET A 224 3.20 -16.33 10.35
C MET A 224 2.82 -15.92 11.78
N LEU A 225 3.37 -14.80 12.23
CA LEU A 225 3.14 -14.31 13.59
C LEU A 225 2.80 -12.84 13.51
N ILE A 226 1.78 -12.45 14.29
CA ILE A 226 1.34 -11.05 14.36
C ILE A 226 1.21 -10.62 15.81
N GLN A 227 1.15 -9.31 16.04
CA GLN A 227 1.14 -8.79 17.41
C GLN A 227 0.08 -7.68 17.63
N ARG A 228 0.03 -6.67 16.74
CA ARG A 228 -0.77 -5.50 17.08
C ARG A 228 -2.21 -5.67 16.65
N THR A 229 -2.97 -6.29 17.55
CA THR A 229 -4.42 -6.41 17.38
C THR A 229 -5.13 -5.80 18.57
N HIS A 230 -6.37 -5.34 18.35
CA HIS A 230 -7.16 -4.67 19.38
C HIS A 230 -7.11 -5.47 20.69
N TYR A 231 -6.88 -4.77 21.80
CA TYR A 231 -6.82 -5.42 23.11
C TYR A 231 -8.05 -6.26 23.42
N SER A 232 -9.20 -5.85 22.90
CA SER A 232 -10.42 -6.62 23.16
C SER A 232 -10.43 -7.92 22.38
N VAL A 233 -9.83 -7.91 21.19
CA VAL A 233 -9.69 -9.11 20.38
C VAL A 233 -8.73 -10.11 21.02
N LYS A 234 -7.59 -9.64 21.50
CA LYS A 234 -6.67 -10.51 22.26
C LYS A 234 -7.36 -11.20 23.43
N LYS A 235 -8.15 -10.44 24.20
CA LYS A 235 -8.84 -11.01 25.37
C LYS A 235 -9.84 -12.09 24.94
N GLU A 236 -10.64 -11.78 23.92
CA GLU A 236 -11.67 -12.69 23.42
C GLU A 236 -11.06 -13.98 22.86
N LEU A 237 -10.02 -13.85 22.04
CA LEU A 237 -9.41 -15.03 21.47
C LEU A 237 -8.64 -15.80 22.52
N ALA A 238 -7.99 -15.11 23.45
CA ALA A 238 -7.27 -15.81 24.53
C ALA A 238 -8.23 -16.68 25.34
N GLN A 239 -9.42 -16.16 25.63
CA GLN A 239 -10.38 -16.90 26.45
C GLN A 239 -10.80 -18.22 25.78
N GLN A 240 -10.84 -18.25 24.45
CA GLN A 240 -11.24 -19.41 23.68
C GLN A 240 -10.04 -20.24 23.17
N ARG A 241 -8.83 -19.84 23.57
CA ARG A 241 -7.60 -20.41 23.00
C ARG A 241 -7.67 -20.43 21.46
N GLN A 242 -7.99 -19.25 20.92
CA GLN A 242 -8.07 -19.06 19.47
C GLN A 242 -6.99 -18.09 18.97
N LEU A 243 -5.87 -18.03 19.70
CA LEU A 243 -4.78 -17.12 19.30
C LEU A 243 -3.89 -17.70 18.21
N GLU A 244 -3.97 -19.01 18.03
CA GLU A 244 -3.36 -19.70 16.90
C GLU A 244 -4.48 -20.24 16.02
N PHE A 245 -4.41 -19.87 14.76
CA PHE A 245 -5.54 -20.16 13.84
C PHE A 245 -5.08 -20.35 12.41
N LEU A 246 -5.88 -21.04 11.59
CA LEU A 246 -5.60 -21.18 10.18
C LEU A 246 -6.31 -20.01 9.50
N TRP A 247 -5.53 -18.99 9.12
CA TRP A 247 -6.10 -17.76 8.58
C TRP A 247 -6.32 -17.92 7.07
N ARG A 248 -7.60 -18.00 6.67
CA ARG A 248 -7.94 -18.08 5.24
C ARG A 248 -8.56 -16.77 4.76
N GLN A 249 -8.62 -16.61 3.45
CA GLN A 249 -9.25 -15.41 2.88
C GLN A 249 -10.77 -15.43 3.08
N ILE A 250 -11.37 -14.25 3.13
CA ILE A 250 -12.80 -14.14 3.46
C ILE A 250 -13.74 -14.86 2.47
N TRP A 251 -13.29 -15.02 1.23
CA TRP A 251 -14.10 -15.65 0.18
C TRP A 251 -13.76 -17.13 -0.02
N ASP A 252 -12.79 -17.64 0.74
CA ASP A 252 -12.23 -18.97 0.48
C ASP A 252 -13.03 -20.09 1.15
N ASN A 253 -13.87 -20.74 0.35
CA ASN A 253 -14.74 -21.76 0.89
C ASN A 253 -14.01 -23.06 1.24
N LYS A 254 -13.04 -23.42 0.40
CA LYS A 254 -12.31 -24.69 0.51
C LYS A 254 -11.26 -24.63 1.59
N GLY A 255 -10.59 -23.49 1.69
CA GLY A 255 -9.48 -23.32 2.65
C GLY A 255 -8.08 -23.45 2.08
N ASP A 256 -7.93 -23.46 0.75
CA ASP A 256 -6.60 -23.61 0.13
C ASP A 256 -5.67 -22.42 0.38
N THR A 257 -6.23 -21.26 0.72
CA THR A 257 -5.40 -20.09 1.04
C THR A 257 -4.89 -20.07 2.50
N ALA A 258 -5.35 -21.02 3.33
CA ALA A 258 -5.08 -20.95 4.77
C ALA A 258 -3.59 -20.93 5.11
N LEU A 259 -3.23 -20.08 6.08
CA LEU A 259 -1.86 -20.04 6.61
C LEU A 259 -1.91 -20.02 8.13
N PHE A 260 -1.18 -20.95 8.75
CA PHE A 260 -1.14 -20.99 10.20
C PHE A 260 -0.58 -19.68 10.75
N THR A 261 -1.31 -19.11 11.71
CA THR A 261 -0.99 -17.79 12.25
C THR A 261 -0.97 -17.85 13.77
N HIS A 262 0.07 -17.26 14.35
CA HIS A 262 0.16 -17.10 15.81
C HIS A 262 0.01 -15.62 16.17
N MET A 263 -1.06 -15.29 16.91
CA MET A 263 -1.23 -13.95 17.46
C MET A 263 -0.67 -13.89 18.90
N MET A 264 0.29 -12.99 19.13
CA MET A 264 0.82 -12.79 20.49
C MET A 264 -0.29 -12.19 21.37
N PRO A 265 -0.30 -12.53 22.69
CA PRO A 265 -1.48 -12.22 23.49
C PRO A 265 -1.49 -10.89 24.24
N PHE A 266 -0.34 -10.22 24.34
CA PHE A 266 -0.19 -9.11 25.28
C PHE A 266 0.01 -7.75 24.58
N TYR A 267 0.24 -6.73 25.38
CA TYR A 267 0.17 -5.35 24.90
C TYR A 267 1.35 -4.95 24.01
N SER A 268 2.50 -5.56 24.22
CA SER A 268 3.71 -5.21 23.48
C SER A 268 4.55 -6.45 23.16
N TYR A 269 5.51 -6.27 22.25
CA TYR A 269 6.50 -7.32 21.95
C TYR A 269 7.72 -7.18 22.84
N ASP A 270 7.71 -6.18 23.73
CA ASP A 270 8.90 -5.97 24.57
C ASP A 270 9.00 -7.04 25.66
N ILE A 271 10.14 -7.11 26.35
CA ILE A 271 10.36 -8.20 27.33
C ILE A 271 9.29 -8.19 28.46
N PRO A 272 8.97 -7.02 29.05
CA PRO A 272 7.93 -7.01 30.08
C PRO A 272 6.60 -7.61 29.61
N HIS A 273 6.31 -7.57 28.30
CA HIS A 273 5.02 -8.08 27.81
C HIS A 273 5.12 -9.37 27.00
N THR A 274 6.21 -10.10 27.16
CA THR A 274 6.38 -11.36 26.44
C THR A 274 6.69 -12.60 27.29
N CYS A 275 7.02 -12.44 28.58
CA CYS A 275 7.33 -13.62 29.41
C CYS A 275 6.05 -14.25 29.99
N GLY A 276 4.99 -13.45 30.08
CA GLY A 276 3.76 -13.84 30.77
C GLY A 276 2.91 -12.61 31.04
N PRO A 277 1.79 -12.79 31.78
CA PRO A 277 0.78 -11.72 31.92
C PRO A 277 1.16 -10.56 32.83
N ASP A 278 2.19 -10.70 33.66
CA ASP A 278 2.54 -9.68 34.65
C ASP A 278 3.83 -8.93 34.30
N PRO A 279 3.71 -7.70 33.75
CA PRO A 279 4.91 -7.00 33.30
C PRO A 279 5.83 -6.60 34.45
N LYS A 280 5.28 -6.46 35.66
CA LYS A 280 6.10 -6.17 36.83
C LYS A 280 7.10 -7.30 37.11
N VAL A 281 6.68 -8.53 36.84
CA VAL A 281 7.55 -9.68 36.95
C VAL A 281 8.46 -9.84 35.71
N CYS A 282 7.87 -9.74 34.52
CA CYS A 282 8.64 -9.98 33.29
C CYS A 282 9.79 -8.97 33.12
N CYS A 283 9.53 -7.74 33.54
CA CYS A 283 10.55 -6.70 33.48
C CYS A 283 11.83 -7.08 34.23
N GLN A 284 11.69 -7.86 35.30
CA GLN A 284 12.84 -8.34 36.07
C GLN A 284 13.68 -9.36 35.32
N PHE A 285 13.23 -9.75 34.12
CA PHE A 285 13.93 -10.74 33.31
C PHE A 285 14.41 -10.13 32.00
N ASP A 286 14.43 -8.80 31.98
CA ASP A 286 15.10 -8.04 30.93
C ASP A 286 16.39 -7.51 31.57
N PHE A 287 17.48 -8.24 31.34
CA PHE A 287 18.71 -7.94 32.07
C PHE A 287 19.45 -6.70 31.59
N LYS A 288 18.88 -6.02 30.58
CA LYS A 288 19.40 -4.73 30.16
C LYS A 288 18.88 -3.58 31.05
N ARG A 289 18.00 -3.89 32.00
CA ARG A 289 17.38 -2.84 32.81
C ARG A 289 17.96 -2.63 34.24
N MET A 290 19.22 -2.98 34.48
CA MET A 290 19.77 -2.84 35.86
C MET A 290 20.46 -1.50 36.19
N GLY A 291 20.63 -0.63 35.18
CA GLY A 291 21.09 0.74 35.40
C GLY A 291 22.18 1.28 34.47
N SER A 292 23.18 0.46 34.19
CA SER A 292 24.32 0.91 33.38
C SER A 292 23.98 1.20 31.92
N PHE A 293 22.84 0.68 31.45
CA PHE A 293 22.37 0.93 30.08
C PHE A 293 21.34 2.07 30.00
N GLY A 294 21.10 2.75 31.12
CA GLY A 294 20.12 3.85 31.15
C GLY A 294 18.70 3.38 30.90
N LEU A 295 18.44 2.14 31.25
CA LEU A 295 17.07 1.62 31.19
C LEU A 295 16.68 1.15 32.58
N SER A 296 15.39 1.17 32.86
CA SER A 296 14.88 0.79 34.16
C SER A 296 13.51 0.18 33.99
N CYS A 297 12.98 -0.40 35.09
CA CYS A 297 11.65 -1.00 35.10
C CYS A 297 10.64 -0.04 35.70
N PRO A 298 9.65 0.42 34.90
CA PRO A 298 8.69 1.38 35.46
C PRO A 298 7.78 0.80 36.56
N TRP A 299 7.75 -0.54 36.68
CA TRP A 299 6.95 -1.18 37.75
C TRP A 299 7.72 -1.23 39.06
N LYS A 300 8.91 -0.62 39.06
CA LYS A 300 9.68 -0.30 40.27
C LYS A 300 10.47 -1.46 40.88
N VAL A 301 10.47 -2.61 40.21
CA VAL A 301 11.31 -3.72 40.65
C VAL A 301 12.33 -4.04 39.55
N PRO A 302 13.62 -3.82 39.85
CA PRO A 302 14.68 -4.02 38.87
C PRO A 302 14.98 -5.50 38.66
N PRO A 303 15.59 -5.84 37.50
CA PRO A 303 16.16 -7.17 37.40
C PRO A 303 17.30 -7.31 38.42
N ARG A 304 17.57 -8.55 38.81
CA ARG A 304 18.75 -8.87 39.60
C ARG A 304 19.49 -10.01 38.94
N THR A 305 20.81 -9.92 38.94
CA THR A 305 21.70 -10.95 38.43
C THR A 305 21.36 -12.31 39.02
N ILE A 306 21.25 -13.31 38.15
CA ILE A 306 20.96 -14.66 38.59
C ILE A 306 22.21 -15.27 39.23
N SER A 307 22.02 -15.84 40.42
CA SER A 307 23.08 -16.48 41.17
C SER A 307 22.58 -17.83 41.69
N ASP A 308 23.48 -18.63 42.23
CA ASP A 308 23.08 -19.86 42.91
C ASP A 308 22.11 -19.62 44.08
N GLN A 309 22.23 -18.48 44.75
CA GLN A 309 21.39 -18.15 45.92
C GLN A 309 20.00 -17.67 45.59
N ASN A 310 19.80 -17.21 44.36
CA ASN A 310 18.48 -16.71 44.03
C ASN A 310 17.83 -17.44 42.86
N VAL A 311 18.54 -18.35 42.23
CA VAL A 311 18.04 -18.95 40.97
C VAL A 311 16.74 -19.72 41.20
N ALA A 312 16.62 -20.39 42.34
CA ALA A 312 15.39 -21.17 42.61
C ALA A 312 14.18 -20.27 42.70
N ALA A 313 14.31 -19.15 43.42
CA ALA A 313 13.24 -18.19 43.59
C ALA A 313 12.90 -17.50 42.27
N ARG A 314 13.94 -17.09 41.55
CA ARG A 314 13.78 -16.43 40.25
C ARG A 314 13.11 -17.37 39.25
N SER A 315 13.56 -18.63 39.22
CA SER A 315 12.95 -19.69 38.38
C SER A 315 11.48 -19.91 38.73
N ASP A 316 11.17 -19.99 40.02
CA ASP A 316 9.78 -20.14 40.42
CA ASP A 316 9.78 -20.05 40.53
C ASP A 316 8.90 -19.01 39.86
N LEU A 317 9.37 -17.76 39.94
CA LEU A 317 8.62 -16.62 39.41
C LEU A 317 8.46 -16.69 37.87
N LEU A 318 9.56 -17.01 37.19
CA LEU A 318 9.58 -17.02 35.72
C LEU A 318 8.73 -18.17 35.17
N VAL A 319 8.91 -19.36 35.73
CA VAL A 319 8.15 -20.53 35.29
C VAL A 319 6.65 -20.31 35.48
N ASP A 320 6.27 -19.68 36.58
CA ASP A 320 4.86 -19.34 36.86
C ASP A 320 4.28 -18.46 35.74
N GLN A 321 5.07 -17.47 35.32
CA GLN A 321 4.68 -16.61 34.19
C GLN A 321 4.48 -17.39 32.88
N TRP A 322 5.48 -18.21 32.54
CA TRP A 322 5.42 -19.13 31.41
C TRP A 322 4.18 -20.01 31.44
N LYS A 323 3.90 -20.64 32.58
CA LYS A 323 2.76 -21.57 32.66
C LYS A 323 1.42 -20.83 32.53
N LYS A 324 1.37 -19.60 33.00
CA LYS A 324 0.20 -18.74 32.77
C LYS A 324 0.04 -18.40 31.29
N LYS A 325 1.12 -17.94 30.65
CA LYS A 325 1.07 -17.69 29.21
C LYS A 325 0.65 -18.96 28.45
N ALA A 326 1.18 -20.11 28.85
CA ALA A 326 0.86 -21.38 28.20
C ALA A 326 -0.62 -21.73 28.27
N GLU A 327 -1.32 -21.23 29.29
CA GLU A 327 -2.78 -21.48 29.38
C GLU A 327 -3.58 -20.91 28.21
N LEU A 328 -3.02 -19.93 27.51
CA LEU A 328 -3.74 -19.23 26.44
C LEU A 328 -3.64 -19.94 25.11
N TYR A 329 -2.86 -21.04 25.07
CA TYR A 329 -2.58 -21.76 23.82
C TYR A 329 -2.82 -23.26 23.98
N ARG A 330 -2.87 -23.95 22.84
CA ARG A 330 -3.34 -25.34 22.82
C ARG A 330 -2.28 -26.43 22.90
N THR A 331 -1.01 -26.11 22.62
CA THR A 331 0.03 -27.16 22.68
C THR A 331 0.91 -26.99 23.90
N ASN A 332 1.83 -27.93 24.07
CA ASN A 332 2.79 -27.85 25.16
C ASN A 332 4.12 -27.25 24.70
N VAL A 333 4.04 -26.40 23.67
CA VAL A 333 5.22 -25.71 23.13
C VAL A 333 4.92 -24.21 23.23
N LEU A 334 5.81 -23.48 23.89
CA LEU A 334 5.58 -22.07 24.24
C LEU A 334 6.61 -21.14 23.61
N LEU A 335 6.11 -20.08 22.96
CA LEU A 335 6.98 -19.08 22.36
C LEU A 335 7.21 -17.92 23.35
N ILE A 336 8.47 -17.62 23.66
CA ILE A 336 8.83 -16.48 24.49
C ILE A 336 9.83 -15.58 23.73
N PRO A 337 9.31 -14.58 22.99
CA PRO A 337 10.23 -13.62 22.38
C PRO A 337 11.09 -12.92 23.45
N LEU A 338 12.35 -12.62 23.12
CA LEU A 338 13.24 -11.88 24.04
C LEU A 338 13.93 -10.73 23.29
N GLY A 339 13.33 -9.54 23.30
CA GLY A 339 13.89 -8.42 22.55
C GLY A 339 13.04 -7.18 22.62
N ASP A 340 13.48 -6.16 21.88
CA ASP A 340 12.88 -4.83 21.91
C ASP A 340 13.59 -4.03 20.80
N ASP A 341 13.29 -2.74 20.73
CA ASP A 341 13.79 -1.91 19.64
C ASP A 341 15.31 -1.80 19.70
N PHE A 342 15.96 -2.09 18.58
CA PHE A 342 17.41 -1.92 18.46
C PHE A 342 18.18 -2.56 19.62
N ARG A 343 17.71 -3.72 20.04
CA ARG A 343 18.40 -4.47 21.10
C ARG A 343 19.58 -5.27 20.56
N PHE A 344 20.32 -5.83 21.50
CA PHE A 344 21.49 -6.65 21.20
C PHE A 344 22.58 -5.88 20.47
N LYS A 345 22.78 -4.65 20.94
CA LYS A 345 23.77 -3.75 20.41
C LYS A 345 25.10 -4.00 21.12
N GLN A 346 25.18 -3.69 22.41
CA GLN A 346 26.47 -3.74 23.12
C GLN A 346 26.89 -5.19 23.37
N ASN A 347 28.19 -5.46 23.29
CA ASN A 347 28.73 -6.74 23.75
C ASN A 347 28.27 -7.13 25.17
N THR A 348 28.29 -6.15 26.06
CA THR A 348 27.87 -6.33 27.46
C THR A 348 26.39 -6.74 27.55
N GLU A 349 25.58 -6.29 26.59
CA GLU A 349 24.17 -6.63 26.55
C GLU A 349 23.99 -8.08 26.15
N TRP A 350 24.72 -8.52 25.13
CA TRP A 350 24.70 -9.92 24.72
C TRP A 350 25.06 -10.79 25.91
N ASP A 351 26.14 -10.45 26.60
CA ASP A 351 26.55 -11.22 27.78
C ASP A 351 25.51 -11.26 28.91
N VAL A 352 24.95 -10.10 29.24
CA VAL A 352 24.07 -10.01 30.39
C VAL A 352 22.74 -10.76 30.14
N GLN A 353 22.20 -10.69 28.92
CA GLN A 353 21.02 -11.50 28.62
C GLN A 353 21.38 -12.99 28.55
N ARG A 354 22.44 -13.34 27.81
CA ARG A 354 22.75 -14.74 27.61
C ARG A 354 23.13 -15.48 28.90
N VAL A 355 24.03 -14.91 29.70
CA VAL A 355 24.51 -15.59 30.90
C VAL A 355 23.39 -15.79 31.92
N ASN A 356 22.54 -14.78 32.10
CA ASN A 356 21.45 -14.88 33.05
C ASN A 356 20.40 -15.91 32.62
N TYR A 357 20.02 -15.90 31.35
CA TYR A 357 19.14 -16.95 30.85
C TYR A 357 19.75 -18.35 30.88
N GLU A 358 21.05 -18.48 30.54
CA GLU A 358 21.69 -19.80 30.66
C GLU A 358 21.58 -20.35 32.09
N ARG A 359 21.75 -19.49 33.09
CA ARG A 359 21.66 -19.92 34.50
C ARG A 359 20.22 -20.37 34.84
N LEU A 360 19.23 -19.64 34.32
CA LEU A 360 17.85 -20.00 34.55
C LEU A 360 17.56 -21.32 33.86
N PHE A 361 17.99 -21.49 32.60
CA PHE A 361 17.78 -22.78 31.90
C PHE A 361 18.42 -23.98 32.63
N GLU A 362 19.67 -23.83 33.07
CA GLU A 362 20.33 -24.94 33.74
C GLU A 362 19.55 -25.36 34.98
N HIS A 363 19.11 -24.39 35.78
CA HIS A 363 18.33 -24.72 36.98
C HIS A 363 16.96 -25.32 36.64
N ILE A 364 16.18 -24.61 35.82
CA ILE A 364 14.83 -25.05 35.50
C ILE A 364 14.81 -26.45 34.90
N ASN A 365 15.70 -26.68 33.92
CA ASN A 365 15.70 -27.96 33.17
C ASN A 365 16.13 -29.15 34.02
N SER A 366 16.87 -28.88 35.10
CA SER A 366 17.35 -29.93 36.00
C SER A 366 16.42 -30.17 37.19
N GLN A 367 15.42 -29.32 37.39
CA GLN A 367 14.44 -29.48 38.46
C GLN A 367 13.19 -30.13 37.90
N ALA A 368 13.07 -31.45 38.07
CA ALA A 368 11.94 -32.23 37.52
C ALA A 368 10.57 -31.67 37.90
N HIS A 369 10.46 -31.13 39.11
CA HIS A 369 9.18 -30.61 39.62
C HIS A 369 8.56 -29.49 38.73
N PHE A 370 9.39 -28.80 37.96
CA PHE A 370 8.89 -27.79 37.01
C PHE A 370 8.24 -28.42 35.79
N ASN A 371 8.73 -29.60 35.40
CA ASN A 371 8.31 -30.26 34.16
C ASN A 371 8.42 -29.33 32.95
N VAL A 372 9.56 -28.65 32.85
CA VAL A 372 9.82 -27.68 31.78
C VAL A 372 11.15 -28.00 31.13
N GLN A 373 11.19 -27.89 29.81
CA GLN A 373 12.47 -27.87 29.10
C GLN A 373 12.57 -26.54 28.34
N ALA A 374 13.44 -25.64 28.80
CA ALA A 374 13.60 -24.29 28.21
C ALA A 374 14.94 -24.15 27.49
N GLN A 375 14.92 -23.46 26.34
CA GLN A 375 16.16 -23.25 25.57
C GLN A 375 16.01 -22.01 24.69
C GLN A 375 16.01 -22.08 24.60
N PHE A 376 17.13 -21.45 24.24
CA PHE A 376 17.11 -20.48 23.14
C PHE A 376 16.65 -21.20 21.89
N GLY A 377 15.80 -20.52 21.13
CA GLY A 377 15.30 -21.10 19.91
C GLY A 377 15.08 -20.04 18.85
N THR A 378 14.72 -20.51 17.65
CA THR A 378 14.33 -19.59 16.58
C THR A 378 12.83 -19.72 16.35
N LEU A 379 12.29 -18.83 15.53
CA LEU A 379 10.87 -18.86 15.21
C LEU A 379 10.45 -20.14 14.49
N GLN A 380 11.25 -20.56 13.49
CA GLN A 380 10.92 -21.80 12.77
C GLN A 380 10.94 -22.99 13.74
N GLU A 381 11.86 -22.97 14.69
CA GLU A 381 11.93 -24.07 15.66
C GLU A 381 10.61 -24.17 16.46
N TYR A 382 10.08 -23.02 16.89
CA TYR A 382 8.82 -22.96 17.61
C TYR A 382 7.70 -23.58 16.75
N PHE A 383 7.54 -23.08 15.52
CA PHE A 383 6.47 -23.56 14.66
C PHE A 383 6.60 -25.07 14.35
N ASP A 384 7.83 -25.51 14.08
CA ASP A 384 8.05 -26.93 13.79
C ASP A 384 7.56 -27.77 14.96
N ALA A 385 7.88 -27.34 16.19
CA ALA A 385 7.50 -28.11 17.37
C ALA A 385 5.98 -28.09 17.57
N VAL A 386 5.37 -26.94 17.32
CA VAL A 386 3.90 -26.84 17.39
C VAL A 386 3.21 -27.83 16.47
N HIS A 387 3.69 -27.91 15.23
CA HIS A 387 3.05 -28.80 14.26
C HIS A 387 3.33 -30.27 14.52
N GLN A 388 4.49 -30.56 15.11
CA GLN A 388 4.73 -31.90 15.64
C GLN A 388 3.70 -32.26 16.70
N ALA A 389 3.39 -31.33 17.61
CA ALA A 389 2.37 -31.56 18.64
C ALA A 389 1.00 -31.76 18.00
N GLU A 390 0.69 -30.96 17.00
CA GLU A 390 -0.56 -31.07 16.24
C GLU A 390 -0.70 -32.46 15.60
N ARG A 391 0.36 -32.91 14.92
CA ARG A 391 0.35 -34.19 14.23
C ARG A 391 0.26 -35.36 15.22
N ALA A 392 0.79 -35.15 16.42
CA ALA A 392 0.70 -36.14 17.51
C ALA A 392 -0.73 -36.17 18.08
N GLY A 393 -1.64 -35.37 17.51
CA GLY A 393 -3.04 -35.31 17.94
C GLY A 393 -3.25 -34.56 19.23
N GLN A 394 -2.28 -33.74 19.59
CA GLN A 394 -2.30 -33.03 20.85
C GLN A 394 -3.19 -31.76 20.81
N ALA A 395 -3.46 -31.26 19.61
CA ALA A 395 -4.26 -30.05 19.41
C ALA A 395 -4.86 -30.00 18.00
N GLU A 396 -6.01 -29.33 17.89
CA GLU A 396 -6.56 -28.96 16.58
C GLU A 396 -6.80 -27.46 16.63
N PHE A 397 -6.62 -26.80 15.50
CA PHE A 397 -6.63 -25.34 15.49
C PHE A 397 -7.87 -24.82 14.79
N PRO A 398 -8.43 -23.72 15.30
CA PRO A 398 -9.59 -23.10 14.65
C PRO A 398 -9.24 -22.42 13.32
N THR A 399 -10.24 -22.29 12.46
CA THR A 399 -10.14 -21.54 11.24
C THR A 399 -10.64 -20.09 11.48
N LEU A 400 -10.08 -19.14 10.73
CA LEU A 400 -10.42 -17.73 10.93
C LEU A 400 -10.38 -17.02 9.60
N SER A 401 -11.32 -16.10 9.39
CA SER A 401 -11.18 -15.13 8.29
C SER A 401 -11.54 -13.75 8.80
N GLY A 402 -11.09 -12.74 8.04
CA GLY A 402 -11.31 -11.32 8.34
C GLY A 402 -9.97 -10.60 8.51
N ASP A 403 -10.03 -9.38 9.03
CA ASP A 403 -8.85 -8.55 9.28
C ASP A 403 -8.78 -8.09 10.73
N PHE A 404 -7.75 -7.32 11.02
CA PHE A 404 -7.46 -6.82 12.35
C PHE A 404 -7.26 -5.31 12.35
N PHE A 405 -8.21 -4.63 11.69
CA PHE A 405 -8.34 -3.17 11.74
C PHE A 405 -9.72 -2.85 12.31
N THR A 406 -9.89 -1.73 13.00
CA THR A 406 -8.86 -0.76 13.35
C THR A 406 -8.27 -1.03 14.74
N TYR A 407 -6.95 -1.05 14.81
CA TYR A 407 -6.24 -1.31 16.04
C TYR A 407 -6.43 -0.25 17.14
N ALA A 408 -6.61 -0.71 18.37
CA ALA A 408 -6.46 0.14 19.55
C ALA A 408 -5.56 -0.62 20.52
N ASP A 409 -4.54 0.06 21.03
CA ASP A 409 -3.66 -0.53 22.05
C ASP A 409 -4.13 -0.34 23.50
N ARG A 410 -4.98 0.66 23.73
CA ARG A 410 -5.55 0.91 25.08
C ARG A 410 -6.74 1.86 24.95
N SER A 411 -7.66 1.75 25.92
CA SER A 411 -8.82 2.64 26.05
CA SER A 411 -8.75 2.71 26.05
C SER A 411 -9.49 3.00 24.71
N ASP A 412 -9.65 4.30 24.38
CA ASP A 412 -10.28 4.70 23.12
C ASP A 412 -9.24 5.14 22.09
N ASN A 413 -7.98 4.73 22.29
CA ASN A 413 -6.87 5.18 21.43
C ASN A 413 -6.78 4.28 20.17
N TYR A 414 -7.64 4.58 19.20
CA TYR A 414 -7.69 3.89 17.92
C TYR A 414 -6.72 4.52 16.91
N TRP A 415 -5.95 3.67 16.24
CA TRP A 415 -4.87 4.12 15.36
C TRP A 415 -5.38 4.33 13.94
N SER A 416 -6.38 5.18 13.77
CA SER A 416 -6.87 5.48 12.42
C SER A 416 -6.29 6.78 11.84
N GLY A 417 -5.49 7.51 12.64
CA GLY A 417 -4.84 8.73 12.13
C GLY A 417 -3.87 8.45 11.00
N TYR A 418 -3.09 7.38 11.16
CA TYR A 418 -2.02 7.08 10.20
C TYR A 418 -2.52 6.59 8.84
N TYR A 419 -3.83 6.37 8.71
CA TYR A 419 -4.45 6.08 7.41
C TYR A 419 -4.35 7.31 6.50
N THR A 420 -4.08 8.49 7.09
CA THR A 420 -4.04 9.76 6.34
C THR A 420 -2.75 10.53 6.51
N SER A 421 -2.07 10.39 7.66
CA SER A 421 -0.87 11.19 7.96
C SER A 421 0.12 11.27 6.79
N ARG A 422 0.65 12.49 6.55
CA ARG A 422 1.62 12.72 5.44
C ARG A 422 1.05 12.21 4.09
N PRO A 423 -0.10 12.74 3.67
CA PRO A 423 -0.77 12.25 2.46
C PRO A 423 0.00 12.54 1.16
N TYR A 424 0.91 13.51 1.18
CA TYR A 424 1.74 13.77 -0.01
C TYR A 424 2.52 12.52 -0.36
N HIS A 425 3.10 11.89 0.65
CA HIS A 425 3.97 10.74 0.41
C HIS A 425 3.17 9.48 0.19
N LYS A 426 1.95 9.43 0.74
CA LYS A 426 1.03 8.33 0.44
C LYS A 426 0.68 8.35 -1.06
N ARG A 427 0.38 9.53 -1.61
CA ARG A 427 0.12 9.63 -3.04
C ARG A 427 1.39 9.31 -3.88
N MET A 428 2.55 9.80 -3.44
CA MET A 428 3.80 9.50 -4.12
C MET A 428 4.07 7.99 -4.21
N ASP A 429 3.74 7.28 -3.13
CA ASP A 429 3.81 5.82 -3.16
C ASP A 429 3.12 5.18 -4.37
N ARG A 430 1.91 5.63 -4.67
CA ARG A 430 1.18 5.03 -5.75
C ARG A 430 1.74 5.44 -7.09
N VAL A 431 2.28 6.67 -7.16
CA VAL A 431 2.88 7.11 -8.42
C VAL A 431 4.12 6.23 -8.70
N LEU A 432 4.98 6.10 -7.70
CA LEU A 432 6.20 5.33 -7.87
C LEU A 432 5.85 3.84 -8.13
N MET A 433 4.80 3.33 -7.47
CA MET A 433 4.36 1.96 -7.70
C MET A 433 4.19 1.69 -9.19
N HIS A 434 3.48 2.60 -9.84
CA HIS A 434 3.21 2.45 -11.26
C HIS A 434 4.47 2.65 -12.10
N TYR A 435 5.30 3.66 -11.77
CA TYR A 435 6.55 3.90 -12.55
C TYR A 435 7.49 2.69 -12.44
N VAL A 436 7.53 2.03 -11.29
CA VAL A 436 8.36 0.83 -11.22
C VAL A 436 7.80 -0.27 -12.13
N ARG A 437 6.48 -0.45 -12.08
CA ARG A 437 5.88 -1.46 -12.94
C ARG A 437 6.19 -1.16 -14.41
N ALA A 438 5.97 0.09 -14.82
CA ALA A 438 6.13 0.48 -16.22
C ALA A 438 7.60 0.35 -16.67
N ALA A 439 8.53 0.77 -15.81
CA ALA A 439 9.97 0.66 -16.13
C ALA A 439 10.43 -0.80 -16.27
N GLU A 440 10.02 -1.65 -15.33
CA GLU A 440 10.38 -3.07 -15.43
C GLU A 440 9.78 -3.73 -16.68
N MET A 441 8.52 -3.40 -16.96
CA MET A 441 7.84 -3.97 -18.13
C MET A 441 8.44 -3.49 -19.45
N LEU A 442 8.59 -2.18 -19.58
CA LEU A 442 9.11 -1.64 -20.87
C LEU A 442 10.50 -2.16 -21.17
N SER A 443 11.34 -2.31 -20.15
CA SER A 443 12.70 -2.76 -20.40
C SER A 443 12.84 -4.26 -20.46
N ALA A 444 11.79 -4.98 -20.04
CA ALA A 444 11.82 -6.46 -20.06
C ALA A 444 11.87 -7.04 -21.47
N TRP A 445 11.36 -6.31 -22.46
CA TRP A 445 11.22 -6.84 -23.83
C TRP A 445 12.56 -7.14 -24.48
N HIS A 446 13.60 -6.44 -24.05
CA HIS A 446 14.96 -6.65 -24.57
C HIS A 446 15.93 -7.07 -23.47
N SER A 447 17.02 -7.70 -23.90
CA SER A 447 18.21 -7.83 -23.09
C SER A 447 19.06 -6.59 -23.32
N TRP A 448 19.64 -6.05 -22.26
CA TRP A 448 20.41 -4.82 -22.34
C TRP A 448 21.88 -5.02 -21.97
N ASP A 449 22.76 -4.39 -22.74
CA ASP A 449 24.18 -4.36 -22.40
C ASP A 449 24.38 -3.74 -21.03
N GLY A 450 25.38 -4.21 -20.29
CA GLY A 450 25.73 -3.64 -18.97
C GLY A 450 25.94 -2.14 -18.98
N MET A 451 26.43 -1.60 -20.10
CA MET A 451 26.71 -0.18 -20.20
C MET A 451 25.44 0.70 -20.14
N ALA A 452 24.29 0.10 -20.46
CA ALA A 452 22.98 0.78 -20.41
C ALA A 452 22.51 1.06 -18.99
N ARG A 453 23.13 0.38 -18.01
CA ARG A 453 22.83 0.53 -16.59
C ARG A 453 21.34 0.33 -16.26
N ILE A 454 20.67 -0.55 -17.01
CA ILE A 454 19.23 -0.79 -16.81
C ILE A 454 19.02 -1.47 -15.44
N GLU A 455 19.70 -2.58 -15.22
CA GLU A 455 19.54 -3.35 -13.98
C GLU A 455 19.86 -2.51 -12.77
N GLU A 456 20.90 -1.68 -12.87
CA GLU A 456 21.32 -0.80 -11.80
C GLU A 456 20.18 0.15 -11.39
N ARG A 457 19.62 0.83 -12.39
CA ARG A 457 18.57 1.83 -12.14
C ARG A 457 17.31 1.17 -11.60
N LEU A 458 16.96 0.00 -12.14
CA LEU A 458 15.75 -0.72 -11.66
C LEU A 458 15.91 -1.22 -10.23
N GLU A 459 17.11 -1.70 -9.89
CA GLU A 459 17.36 -2.13 -8.51
C GLU A 459 17.22 -0.96 -7.53
N GLN A 460 17.83 0.19 -7.87
CA GLN A 460 17.68 1.38 -7.05
C GLN A 460 16.19 1.74 -6.86
N ALA A 461 15.43 1.74 -7.96
CA ALA A 461 14.01 2.11 -7.88
C ALA A 461 13.23 1.14 -6.98
N ARG A 462 13.41 -0.17 -7.21
CA ARG A 462 12.73 -1.18 -6.39
C ARG A 462 13.08 -1.03 -4.92
N ARG A 463 14.35 -0.75 -4.63
CA ARG A 463 14.79 -0.65 -3.25
C ARG A 463 14.25 0.57 -2.53
N GLU A 464 14.17 1.72 -3.20
CA GLU A 464 13.64 2.89 -2.51
C GLU A 464 12.14 2.77 -2.28
N LEU A 465 11.44 2.21 -3.25
CA LEU A 465 9.99 2.02 -3.06
C LEU A 465 9.76 0.96 -1.97
N SER A 466 10.55 -0.12 -2.00
CA SER A 466 10.47 -1.15 -0.98
C SER A 466 10.71 -0.58 0.42
N LEU A 467 11.72 0.29 0.54
CA LEU A 467 12.03 0.88 1.82
C LEU A 467 10.82 1.64 2.37
N PHE A 468 10.12 2.34 1.46
CA PHE A 468 9.02 3.18 1.90
C PHE A 468 7.82 2.37 2.42
N GLN A 469 7.76 1.07 2.09
CA GLN A 469 6.69 0.23 2.62
C GLN A 469 6.80 0.02 4.14
N HIS A 470 7.95 0.39 4.73
CA HIS A 470 8.16 0.25 6.17
C HIS A 470 6.98 0.85 6.94
N HIS A 471 6.72 0.30 8.13
CA HIS A 471 5.60 0.76 8.97
C HIS A 471 5.80 2.15 9.63
N ASP A 472 6.91 2.85 9.33
CA ASP A 472 7.04 4.29 9.61
C ASP A 472 7.27 5.11 8.34
N GLY A 473 7.14 4.47 7.18
CA GLY A 473 7.33 5.16 5.90
C GLY A 473 5.99 5.63 5.39
N ILE A 474 5.33 4.77 4.63
CA ILE A 474 4.04 5.09 4.02
C ILE A 474 2.98 5.53 5.06
N THR A 475 3.15 5.06 6.31
CA THR A 475 2.24 5.38 7.39
C THR A 475 2.25 6.88 7.78
N GLY A 476 3.31 7.61 7.42
CA GLY A 476 3.41 9.01 7.83
C GLY A 476 3.66 9.19 9.32
N THR A 477 4.40 8.23 9.91
CA THR A 477 4.69 8.26 11.33
C THR A 477 6.19 8.45 11.66
N ALA A 478 6.96 9.02 10.74
CA ALA A 478 8.40 9.27 11.00
C ALA A 478 8.60 10.76 11.33
N LYS A 479 9.77 11.07 11.86
CA LYS A 479 10.11 12.47 12.13
C LYS A 479 10.24 13.22 10.82
N THR A 480 10.09 14.54 10.89
CA THR A 480 10.13 15.40 9.71
C THR A 480 11.33 15.15 8.80
N HIS A 481 12.54 15.12 9.36
CA HIS A 481 13.72 14.91 8.52
C HIS A 481 13.79 13.51 7.91
N VAL A 482 13.13 12.56 8.55
CA VAL A 482 13.08 11.21 8.02
C VAL A 482 12.11 11.13 6.85
N VAL A 483 10.96 11.81 6.98
CA VAL A 483 10.03 11.92 5.87
C VAL A 483 10.77 12.50 4.65
N VAL A 484 11.60 13.52 4.90
CA VAL A 484 12.35 14.19 3.81
C VAL A 484 13.30 13.20 3.13
N ASP A 485 13.93 12.34 3.93
CA ASP A 485 14.81 11.31 3.38
C ASP A 485 14.05 10.33 2.48
N TYR A 486 12.88 9.88 2.92
CA TYR A 486 12.09 8.96 2.12
C TYR A 486 11.67 9.66 0.83
N GLU A 487 11.29 10.94 0.93
CA GLU A 487 10.89 11.67 -0.28
C GLU A 487 12.04 11.77 -1.27
N GLN A 488 13.23 12.13 -0.77
CA GLN A 488 14.41 12.29 -1.65
C GLN A 488 14.75 10.97 -2.34
N ARG A 489 14.69 9.87 -1.58
CA ARG A 489 14.90 8.53 -2.13
C ARG A 489 13.88 8.20 -3.22
N MET A 490 12.60 8.51 -2.97
CA MET A 490 11.57 8.24 -3.97
C MET A 490 11.72 9.10 -5.22
N GLN A 491 12.15 10.35 -5.04
CA GLN A 491 12.43 11.22 -6.20
CA GLN A 491 12.44 11.23 -6.18
C GLN A 491 13.52 10.63 -7.07
N GLU A 492 14.57 10.08 -6.45
CA GLU A 492 15.64 9.47 -7.22
C GLU A 492 15.13 8.20 -7.92
N ALA A 493 14.27 7.45 -7.23
CA ALA A 493 13.67 6.26 -7.83
C ALA A 493 12.83 6.64 -9.07
N LEU A 494 12.04 7.71 -8.95
CA LEU A 494 11.23 8.16 -10.10
C LEU A 494 12.13 8.54 -11.29
N LYS A 495 13.23 9.23 -11.02
CA LYS A 495 14.18 9.61 -12.08
C LYS A 495 14.82 8.36 -12.73
N ALA A 496 15.15 7.36 -11.91
CA ALA A 496 15.66 6.08 -12.44
C ALA A 496 14.62 5.40 -13.34
N CYS A 497 13.35 5.40 -12.93
CA CYS A 497 12.30 4.80 -13.74
C CYS A 497 12.17 5.55 -15.06
N GLN A 498 12.16 6.89 -15.00
CA GLN A 498 12.04 7.68 -16.23
CA GLN A 498 12.04 7.68 -16.22
C GLN A 498 13.16 7.33 -17.20
N MET A 499 14.38 7.25 -16.70
CA MET A 499 15.54 6.93 -17.57
C MET A 499 15.33 5.60 -18.29
N VAL A 500 14.99 4.58 -17.52
CA VAL A 500 14.78 3.26 -18.08
C VAL A 500 13.63 3.25 -19.07
N MET A 501 12.50 3.85 -18.69
CA MET A 501 11.33 3.91 -19.57
C MET A 501 11.66 4.57 -20.91
N GLN A 502 12.34 5.72 -20.84
CA GLN A 502 12.57 6.49 -22.08
C GLN A 502 13.62 5.81 -23.01
N GLN A 503 14.66 5.20 -22.43
CA GLN A 503 15.56 4.34 -23.23
C GLN A 503 14.82 3.21 -23.91
N SER A 504 13.88 2.59 -23.19
CA SER A 504 13.13 1.47 -23.70
C SER A 504 12.20 1.87 -24.87
N VAL A 505 11.48 2.97 -24.69
CA VAL A 505 10.61 3.49 -25.77
C VAL A 505 11.42 3.74 -27.06
N TYR A 506 12.59 4.38 -26.92
CA TYR A 506 13.41 4.67 -28.09
C TYR A 506 13.82 3.38 -28.81
N ARG A 507 14.14 2.35 -28.05
CA ARG A 507 14.53 1.08 -28.65
C ARG A 507 13.36 0.33 -29.27
N LEU A 508 12.19 0.41 -28.62
CA LEU A 508 11.04 -0.33 -29.08
C LEU A 508 10.41 0.26 -30.34
N LEU A 509 10.64 1.55 -30.56
CA LEU A 509 9.96 2.25 -31.66
C LEU A 509 10.91 2.86 -32.71
N THR A 510 12.15 2.36 -32.78
CA THR A 510 13.11 2.86 -33.79
C THR A 510 13.52 1.69 -34.69
N LYS A 511 13.54 1.93 -36.00
CA LYS A 511 14.00 0.91 -36.95
C LYS A 511 15.31 0.32 -36.45
N PRO A 512 15.38 -1.03 -36.30
CA PRO A 512 16.58 -1.58 -35.69
C PRO A 512 17.92 -1.21 -36.34
N SER A 513 17.98 -1.10 -37.66
CA SER A 513 19.26 -0.75 -38.33
C SER A 513 19.59 0.74 -38.21
N ILE A 514 18.67 1.51 -37.65
CA ILE A 514 18.89 2.94 -37.41
C ILE A 514 19.20 3.23 -35.92
N TYR A 515 18.63 2.42 -35.04
CA TYR A 515 18.76 2.60 -33.58
C TYR A 515 20.23 2.83 -33.14
N SER A 516 20.48 3.96 -32.49
CA SER A 516 21.86 4.38 -32.14
C SER A 516 21.94 5.07 -30.76
N PRO A 517 21.83 4.30 -29.66
CA PRO A 517 21.70 4.91 -28.34
C PRO A 517 22.96 5.45 -27.70
N ASP A 518 22.82 6.59 -27.04
CA ASP A 518 23.71 7.04 -26.00
C ASP A 518 22.88 6.76 -24.73
N PHE A 519 23.36 5.83 -23.93
CA PHE A 519 22.60 5.38 -22.76
C PHE A 519 22.49 6.41 -21.64
N SER A 520 23.15 7.55 -21.83
CA SER A 520 23.08 8.67 -20.89
C SER A 520 22.15 9.78 -21.38
N PHE A 521 21.70 9.66 -22.63
CA PHE A 521 20.94 10.72 -23.29
C PHE A 521 19.46 10.57 -23.01
N SER A 522 18.75 11.69 -22.97
CA SER A 522 17.29 11.68 -22.82
C SER A 522 16.59 11.87 -24.16
N TYR A 523 16.18 10.75 -24.76
CA TYR A 523 15.42 10.74 -26.02
C TYR A 523 13.98 11.24 -25.85
N PHE A 524 13.39 10.95 -24.70
CA PHE A 524 12.03 11.39 -24.37
C PHE A 524 12.03 11.92 -22.95
N THR A 525 11.14 12.87 -22.68
CA THR A 525 10.87 13.21 -21.30
C THR A 525 9.44 12.79 -20.98
N LEU A 526 9.23 12.33 -19.75
CA LEU A 526 7.90 11.94 -19.34
C LEU A 526 7.05 13.19 -19.09
N ASP A 527 5.77 13.09 -19.39
CA ASP A 527 4.83 14.14 -19.06
C ASP A 527 3.80 13.50 -18.16
N ASP A 528 3.62 14.01 -16.94
CA ASP A 528 2.67 13.45 -16.00
C ASP A 528 1.74 14.55 -15.56
N SER A 529 0.45 14.39 -15.87
CA SER A 529 -0.58 15.41 -15.57
C SER A 529 -0.97 15.52 -14.11
N ARG A 530 -0.69 14.46 -13.34
CA ARG A 530 -1.26 14.33 -12.02
C ARG A 530 -0.22 14.12 -10.94
N TRP A 531 1.06 14.19 -11.28
CA TRP A 531 2.08 14.15 -10.25
C TRP A 531 3.30 14.96 -10.67
N PRO A 532 3.80 15.88 -9.80
CA PRO A 532 3.21 16.26 -8.50
C PRO A 532 1.84 16.94 -8.61
N GLY A 533 1.52 17.47 -9.79
CA GLY A 533 0.19 17.98 -10.11
C GLY A 533 0.15 19.48 -10.21
N SER A 534 -0.88 19.97 -10.89
CA SER A 534 -1.12 21.41 -11.07
C SER A 534 -1.30 22.01 -9.70
N GLY A 535 -0.55 23.08 -9.44
CA GLY A 535 -0.58 23.80 -8.17
C GLY A 535 0.27 23.18 -7.07
N VAL A 536 0.95 22.08 -7.41
CA VAL A 536 1.88 21.45 -6.48
C VAL A 536 3.31 21.76 -6.94
N GLU A 537 3.60 21.47 -8.20
CA GLU A 537 4.89 21.78 -8.78
C GLU A 537 4.67 22.14 -10.25
N ASP A 538 5.31 23.21 -10.71
CA ASP A 538 5.35 23.49 -12.16
C ASP A 538 6.53 22.70 -12.72
N SER A 539 6.25 21.48 -13.14
CA SER A 539 7.27 20.50 -13.51
C SER A 539 7.21 20.09 -14.98
N ARG A 540 6.05 20.31 -15.61
CA ARG A 540 5.81 19.82 -16.98
C ARG A 540 6.47 20.70 -18.02
N THR A 541 6.92 20.05 -19.09
CA THR A 541 7.53 20.77 -20.21
CA THR A 541 7.55 20.70 -20.24
C THR A 541 6.47 21.14 -21.23
N THR A 542 6.58 22.36 -21.73
CA THR A 542 5.71 22.81 -22.81
C THR A 542 6.31 22.37 -24.13
N ILE A 543 5.47 21.78 -24.98
CA ILE A 543 5.88 21.47 -26.36
C ILE A 543 5.87 22.78 -27.16
N ILE A 544 7.07 23.21 -27.54
CA ILE A 544 7.24 24.48 -28.22
C ILE A 544 7.30 24.30 -29.73
N LEU A 545 6.30 24.88 -30.39
CA LEU A 545 6.15 24.75 -31.82
C LEU A 545 6.09 26.14 -32.39
N GLY A 546 6.43 26.29 -33.66
CA GLY A 546 6.26 27.56 -34.35
C GLY A 546 6.71 27.41 -35.78
N GLU A 547 6.10 28.20 -36.66
CA GLU A 547 6.48 28.15 -38.08
C GLU A 547 7.96 28.44 -38.33
N ASP A 548 8.57 29.26 -37.46
CA ASP A 548 9.96 29.64 -37.59
C ASP A 548 10.90 28.82 -36.72
N ILE A 549 10.39 27.76 -36.10
CA ILE A 549 11.25 26.95 -35.22
C ILE A 549 11.10 25.45 -35.37
N LEU A 550 9.88 24.97 -35.32
CA LEU A 550 9.65 23.52 -35.30
C LEU A 550 8.17 23.32 -35.54
N PRO A 551 7.82 22.77 -36.70
CA PRO A 551 6.39 22.58 -36.99
C PRO A 551 5.66 21.48 -36.23
N SER A 552 6.37 20.45 -35.77
CA SER A 552 5.66 19.31 -35.22
C SER A 552 6.48 18.57 -34.17
N LYS A 553 5.80 17.71 -33.41
CA LYS A 553 6.43 16.94 -32.32
C LYS A 553 5.79 15.57 -32.18
N HIS A 554 6.64 14.54 -32.07
CA HIS A 554 6.17 13.20 -31.78
C HIS A 554 5.98 13.02 -30.29
N VAL A 555 4.87 12.35 -29.96
CA VAL A 555 4.60 11.90 -28.58
C VAL A 555 4.25 10.44 -28.63
N VAL A 556 4.52 9.74 -27.52
CA VAL A 556 4.28 8.29 -27.43
C VAL A 556 3.57 8.00 -26.11
N MET A 557 2.56 7.14 -26.19
CA MET A 557 1.86 6.62 -25.00
C MET A 557 2.16 5.15 -24.79
N HIS A 558 2.38 4.80 -23.52
CA HIS A 558 2.52 3.39 -23.12
C HIS A 558 1.31 2.96 -22.31
N ASN A 559 0.87 1.72 -22.54
CA ASN A 559 -0.25 1.09 -21.83
C ASN A 559 0.25 -0.17 -21.12
N THR A 560 0.46 -0.09 -19.80
CA THR A 560 1.04 -1.24 -19.08
C THR A 560 0.04 -2.40 -18.90
N LEU A 561 -1.25 -2.12 -19.11
CA LEU A 561 -2.31 -3.14 -18.92
C LEU A 561 -2.41 -4.09 -20.12
N PRO A 562 -2.70 -5.37 -19.88
CA PRO A 562 -2.81 -6.33 -20.96
C PRO A 562 -4.12 -6.35 -21.74
N HIS A 563 -4.67 -5.17 -22.03
CA HIS A 563 -5.80 -5.11 -22.96
C HIS A 563 -5.70 -3.79 -23.72
N TRP A 564 -6.26 -3.73 -24.92
CA TRP A 564 -6.36 -2.47 -25.65
C TRP A 564 -7.04 -1.44 -24.78
N ARG A 565 -6.50 -0.21 -24.78
CA ARG A 565 -7.06 0.83 -23.93
C ARG A 565 -7.11 2.17 -24.62
N GLU A 566 -8.26 2.83 -24.49
CA GLU A 566 -8.36 4.25 -24.84
C GLU A 566 -8.42 5.09 -23.57
N GLN A 567 -7.76 6.25 -23.64
CA GLN A 567 -7.76 7.21 -22.52
C GLN A 567 -7.45 8.58 -23.09
N LEU A 568 -8.16 9.62 -22.63
CA LEU A 568 -7.75 10.97 -22.98
C LEU A 568 -6.39 11.27 -22.36
N VAL A 569 -5.54 11.91 -23.14
CA VAL A 569 -4.24 12.39 -22.69
C VAL A 569 -4.14 13.88 -23.01
N ASP A 570 -3.36 14.60 -22.21
CA ASP A 570 -3.14 16.02 -22.46
C ASP A 570 -1.67 16.39 -22.42
N PHE A 571 -1.31 17.42 -23.16
CA PHE A 571 0.04 17.98 -23.20
C PHE A 571 -0.09 19.50 -23.18
N TYR A 572 0.92 20.16 -22.64
CA TYR A 572 1.06 21.62 -22.76
C TYR A 572 1.74 21.95 -24.09
N VAL A 573 1.18 22.92 -24.80
CA VAL A 573 1.69 23.39 -26.09
C VAL A 573 1.77 24.92 -26.11
N SER A 574 2.68 25.45 -26.93
CA SER A 574 2.97 26.89 -26.96
C SER A 574 2.00 27.68 -27.83
N SER A 575 1.11 26.98 -28.54
CA SER A 575 0.09 27.60 -29.40
C SER A 575 -1.24 26.86 -29.25
N PRO A 576 -2.36 27.59 -29.34
CA PRO A 576 -3.64 26.88 -29.34
C PRO A 576 -3.96 26.25 -30.69
N PHE A 577 -3.20 26.60 -31.73
CA PHE A 577 -3.51 26.12 -33.05
C PHE A 577 -2.69 24.87 -33.37
N VAL A 578 -3.09 23.77 -32.74
CA VAL A 578 -2.35 22.52 -32.87
C VAL A 578 -3.33 21.40 -33.21
N SER A 579 -2.90 20.52 -34.09
CA SER A 579 -3.71 19.35 -34.47
C SER A 579 -2.92 18.06 -34.33
N VAL A 580 -3.66 16.98 -34.20
CA VAL A 580 -3.08 15.69 -33.86
C VAL A 580 -3.32 14.68 -34.98
N THR A 581 -2.29 13.90 -35.30
CA THR A 581 -2.41 12.78 -36.23
C THR A 581 -1.79 11.56 -35.59
N ASP A 582 -2.21 10.37 -36.04
CA ASP A 582 -1.52 9.13 -35.65
C ASP A 582 -0.35 8.91 -36.62
N LEU A 583 0.43 7.83 -36.48
CA LEU A 583 1.55 7.72 -37.42
C LEU A 583 1.18 7.19 -38.82
N ALA A 584 -0.10 6.93 -39.05
CA ALA A 584 -0.58 6.75 -40.44
C ALA A 584 -1.09 8.08 -41.00
N ASN A 585 -0.85 9.16 -40.26
CA ASN A 585 -1.28 10.51 -40.66
C ASN A 585 -2.80 10.67 -40.68
N ASN A 586 -3.53 9.80 -39.99
CA ASN A 586 -4.98 9.96 -39.81
C ASN A 586 -5.22 11.06 -38.80
N PRO A 587 -6.08 12.04 -39.12
CA PRO A 587 -6.40 13.04 -38.09
C PRO A 587 -7.04 12.44 -36.84
N VAL A 588 -6.72 13.03 -35.70
CA VAL A 588 -7.31 12.60 -34.46
C VAL A 588 -8.03 13.81 -33.84
N GLU A 589 -9.30 13.62 -33.49
CA GLU A 589 -10.05 14.67 -32.81
C GLU A 589 -9.38 15.15 -31.52
N ALA A 590 -9.25 16.46 -31.39
CA ALA A 590 -8.57 17.07 -30.25
C ALA A 590 -9.37 18.22 -29.70
N GLN A 591 -9.07 18.58 -28.44
CA GLN A 591 -9.65 19.74 -27.77
C GLN A 591 -8.53 20.54 -27.14
N VAL A 592 -8.61 21.85 -27.28
CA VAL A 592 -7.70 22.74 -26.61
C VAL A 592 -8.45 23.51 -25.52
N SER A 593 -7.84 23.56 -24.33
CA SER A 593 -8.36 24.31 -23.20
C SER A 593 -7.25 25.21 -22.67
N PRO A 594 -7.60 26.26 -21.91
CA PRO A 594 -6.54 27.06 -21.28
C PRO A 594 -5.78 26.29 -20.19
N VAL A 595 -4.64 26.82 -19.77
CA VAL A 595 -3.97 26.34 -18.55
C VAL A 595 -4.38 27.26 -17.41
N TRP A 596 -5.15 26.73 -16.47
CA TRP A 596 -5.66 27.48 -15.33
C TRP A 596 -4.86 27.11 -14.10
N SER A 597 -4.44 28.12 -13.35
CA SER A 597 -3.87 27.89 -12.04
C SER A 597 -4.56 28.75 -11.02
N TRP A 598 -4.71 28.21 -9.82
CA TRP A 598 -5.42 28.87 -8.75
C TRP A 598 -4.47 29.56 -7.79
N HIS A 599 -4.89 30.71 -7.32
CA HIS A 599 -4.06 31.58 -6.52
C HIS A 599 -4.83 32.16 -5.36
N HIS A 600 -4.24 32.10 -4.18
CA HIS A 600 -4.76 32.85 -3.06
C HIS A 600 -4.28 34.28 -3.24
N ASP A 601 -5.22 35.12 -3.64
CA ASP A 601 -4.93 36.51 -3.89
C ASP A 601 -4.91 37.23 -2.53
N THR A 602 -3.71 37.40 -1.97
CA THR A 602 -3.56 38.05 -0.66
C THR A 602 -3.94 39.53 -0.69
N LEU A 603 -4.31 40.01 -1.86
CA LEU A 603 -4.76 41.39 -2.03
C LEU A 603 -6.29 41.50 -2.00
N THR A 604 -6.97 40.68 -2.80
CA THR A 604 -8.45 40.67 -2.82
C THR A 604 -9.04 39.73 -1.78
N LYS A 605 -8.20 38.89 -1.17
CA LYS A 605 -8.62 37.84 -0.23
C LYS A 605 -9.60 36.86 -0.84
N THR A 606 -9.35 36.50 -2.09
CA THR A 606 -10.15 35.47 -2.77
C THR A 606 -9.21 34.43 -3.36
N ILE A 607 -9.74 33.24 -3.59
CA ILE A 607 -9.04 32.16 -4.28
C ILE A 607 -9.67 32.03 -5.67
N HIS A 608 -8.88 32.35 -6.70
CA HIS A 608 -9.41 32.47 -8.04
C HIS A 608 -8.39 32.02 -9.08
N PRO A 609 -8.87 31.63 -10.27
CA PRO A 609 -7.98 31.10 -11.30
C PRO A 609 -7.39 32.15 -12.23
N GLN A 610 -6.12 31.96 -12.57
CA GLN A 610 -5.46 32.78 -13.60
C GLN A 610 -5.20 31.88 -14.79
N GLY A 611 -5.39 32.41 -15.99
CA GLY A 611 -5.14 31.66 -17.20
C GLY A 611 -3.79 32.02 -17.78
N SER A 612 -3.06 31.02 -18.25
CA SER A 612 -1.79 31.29 -18.90
C SER A 612 -2.00 32.05 -20.19
N THR A 613 -1.09 33.00 -20.45
CA THR A 613 -1.04 33.70 -21.73
C THR A 613 0.10 33.19 -22.62
N THR A 614 0.80 32.14 -22.20
CA THR A 614 2.01 31.69 -22.91
C THR A 614 2.02 30.19 -23.25
N LYS A 615 1.02 29.45 -22.74
CA LYS A 615 0.88 28.00 -23.00
C LYS A 615 -0.58 27.50 -22.86
N TYR A 616 -0.89 26.35 -23.48
CA TYR A 616 -2.27 25.85 -23.62
C TYR A 616 -2.29 24.33 -23.45
N ARG A 617 -3.43 23.73 -23.12
CA ARG A 617 -3.56 22.26 -23.01
C ARG A 617 -4.21 21.68 -24.26
N ILE A 618 -3.57 20.69 -24.89
CA ILE A 618 -4.22 19.93 -25.94
C ILE A 618 -4.59 18.53 -25.45
N ILE A 619 -5.79 18.08 -25.78
CA ILE A 619 -6.39 16.85 -25.24
C ILE A 619 -6.90 16.00 -26.38
N PHE A 620 -6.57 14.72 -26.38
CA PHE A 620 -7.05 13.82 -27.41
C PHE A 620 -7.13 12.41 -26.89
N LYS A 621 -7.89 11.56 -27.57
CA LYS A 621 -8.01 10.18 -27.14
C LYS A 621 -6.89 9.33 -27.73
N ALA A 622 -6.04 8.78 -26.87
CA ALA A 622 -5.00 7.85 -27.32
C ALA A 622 -5.54 6.42 -27.27
N ARG A 623 -5.19 5.61 -28.27
CA ARG A 623 -5.59 4.19 -28.29
C ARG A 623 -4.31 3.37 -28.37
N VAL A 624 -4.11 2.50 -27.38
CA VAL A 624 -2.79 1.86 -27.19
C VAL A 624 -2.94 0.36 -27.03
N PRO A 625 -2.06 -0.43 -27.70
CA PRO A 625 -2.17 -1.88 -27.64
C PRO A 625 -1.96 -2.44 -26.23
N PRO A 626 -2.33 -3.71 -26.03
CA PRO A 626 -2.05 -4.33 -24.72
C PRO A 626 -0.55 -4.31 -24.47
N MET A 627 -0.13 -3.86 -23.28
CA MET A 627 1.31 -3.83 -22.92
C MET A 627 2.18 -3.22 -24.04
N GLY A 628 1.67 -2.15 -24.65
CA GLY A 628 2.26 -1.61 -25.87
C GLY A 628 2.43 -0.11 -25.93
N LEU A 629 2.77 0.37 -27.13
CA LEU A 629 3.09 1.79 -27.36
C LEU A 629 2.36 2.29 -28.60
N ALA A 630 1.97 3.57 -28.57
CA ALA A 630 1.37 4.20 -29.74
C ALA A 630 1.94 5.60 -29.91
N THR A 631 2.26 5.92 -31.16
CA THR A 631 2.90 7.19 -31.51
C THR A 631 1.90 8.15 -32.17
N TYR A 632 1.91 9.41 -31.71
CA TYR A 632 1.09 10.46 -32.31
C TYR A 632 1.97 11.66 -32.65
N VAL A 633 1.46 12.55 -33.50
CA VAL A 633 2.19 13.75 -33.91
C VAL A 633 1.33 15.00 -33.68
N LEU A 634 1.93 16.01 -33.07
CA LEU A 634 1.29 17.32 -32.83
C LEU A 634 1.90 18.32 -33.80
N THR A 635 1.05 19.00 -34.56
CA THR A 635 1.51 19.90 -35.64
C THR A 635 0.84 21.26 -35.50
N ILE A 636 1.65 22.31 -35.61
CA ILE A 636 1.12 23.68 -35.46
C ILE A 636 0.56 24.15 -36.81
N SER A 637 -0.46 25.01 -36.74
CA SER A 637 -0.89 25.73 -37.93
C SER A 637 -1.12 27.21 -37.60
N ASP A 638 -1.38 28.04 -38.61
CA ASP A 638 -1.52 29.48 -38.34
C ASP A 638 -2.90 29.85 -37.79
N SER A 639 -3.88 28.98 -38.00
CA SER A 639 -5.27 29.23 -37.60
C SER A 639 -5.92 27.95 -37.06
N LYS A 640 -7.19 28.05 -36.63
CA LYS A 640 -7.92 26.88 -36.10
C LYS A 640 -7.85 25.70 -37.06
N PRO A 641 -7.29 24.56 -36.60
CA PRO A 641 -7.26 23.35 -37.41
C PRO A 641 -8.63 22.70 -37.48
N GLU A 642 -8.89 21.97 -38.56
CA GLU A 642 -10.20 21.31 -38.78
C GLU A 642 -10.66 20.38 -37.64
N HIS A 643 -9.71 19.63 -37.09
CA HIS A 643 -10.04 18.55 -36.14
C HIS A 643 -9.77 18.89 -34.66
N THR A 644 -9.57 20.19 -34.39
CA THR A 644 -9.38 20.68 -33.03
C THR A 644 -10.45 21.68 -32.63
N SER A 645 -11.10 21.42 -31.49
CA SER A 645 -12.13 22.31 -30.95
C SER A 645 -11.56 23.04 -29.75
N TYR A 646 -12.29 24.06 -29.31
CA TYR A 646 -11.87 24.91 -28.20
C TYR A 646 -12.93 24.97 -27.12
N ALA A 647 -12.52 24.75 -25.88
CA ALA A 647 -13.46 24.76 -24.76
C ALA A 647 -13.96 26.19 -24.49
N SER A 648 -15.21 26.28 -24.06
CA SER A 648 -15.72 27.52 -23.50
C SER A 648 -15.32 27.56 -22.03
N ASN A 649 -15.18 28.78 -21.49
CA ASN A 649 -14.87 28.99 -20.08
C ASN A 649 -15.80 30.03 -19.47
N LEU A 650 -16.31 29.71 -18.29
CA LEU A 650 -17.28 30.55 -17.56
C LEU A 650 -16.80 30.70 -16.12
N LEU A 651 -16.48 31.93 -15.74
CA LEU A 651 -16.12 32.22 -14.36
C LEU A 651 -17.30 32.80 -13.57
N LEU A 652 -17.71 32.06 -12.53
CA LEU A 652 -18.89 32.41 -11.74
C LEU A 652 -18.42 33.00 -10.42
N ARG A 653 -18.61 34.31 -10.32
CA ARG A 653 -18.25 35.04 -9.13
C ARG A 653 -18.88 36.43 -9.16
N LYS A 654 -19.23 36.94 -8.00
CA LYS A 654 -19.53 38.35 -7.86
C LYS A 654 -18.21 39.11 -8.05
N ASN A 655 -18.30 40.32 -8.59
CA ASN A 655 -17.12 41.18 -8.73
C ASN A 655 -16.03 40.61 -9.67
N PRO A 656 -16.40 40.21 -10.89
CA PRO A 656 -15.42 39.64 -11.82
C PRO A 656 -14.53 40.69 -12.46
N THR A 657 -13.33 40.27 -12.83
CA THR A 657 -12.44 41.06 -13.67
C THR A 657 -12.05 40.20 -14.87
N SER A 658 -11.61 40.85 -15.94
CA SER A 658 -11.28 40.18 -17.19
C SER A 658 -10.21 39.11 -16.98
N LEU A 659 -10.26 38.07 -17.81
CA LEU A 659 -9.28 36.98 -17.79
C LEU A 659 -8.81 36.74 -19.21
N PRO A 660 -7.77 37.48 -19.63
CA PRO A 660 -7.19 37.34 -20.96
C PRO A 660 -6.37 36.05 -21.06
N LEU A 661 -6.31 35.49 -22.25
CA LEU A 661 -5.71 34.16 -22.43
C LEU A 661 -4.69 34.10 -23.57
N GLY A 662 -3.79 35.08 -23.62
CA GLY A 662 -2.84 35.18 -24.72
C GLY A 662 -3.55 34.99 -26.05
N GLN A 663 -3.16 33.94 -26.78
CA GLN A 663 -3.69 33.60 -28.11
C GLN A 663 -5.00 32.79 -28.15
N TYR A 664 -5.46 32.31 -27.00
CA TYR A 664 -6.64 31.44 -26.96
C TYR A 664 -7.84 32.06 -27.68
N PRO A 665 -8.47 31.32 -28.60
CA PRO A 665 -9.49 31.93 -29.48
C PRO A 665 -10.84 32.32 -28.89
N GLU A 666 -11.23 31.75 -27.75
CA GLU A 666 -12.55 32.09 -27.17
C GLU A 666 -12.45 32.90 -25.90
N ASP A 667 -13.26 33.96 -25.83
CA ASP A 667 -13.28 34.85 -24.69
C ASP A 667 -13.93 34.16 -23.47
N VAL A 668 -13.30 34.31 -22.30
CA VAL A 668 -13.92 33.86 -21.05
C VAL A 668 -15.24 34.60 -20.84
N LYS A 669 -16.26 33.88 -20.39
CA LYS A 669 -17.55 34.48 -19.99
C LYS A 669 -17.64 34.57 -18.47
N PHE A 670 -18.46 35.49 -17.96
CA PHE A 670 -18.58 35.71 -16.53
C PHE A 670 -20.05 35.68 -16.11
N GLY A 671 -20.28 35.42 -14.83
CA GLY A 671 -21.66 35.41 -14.31
C GLY A 671 -21.66 35.37 -12.80
N ASP A 672 -22.78 35.77 -12.19
CA ASP A 672 -22.97 35.54 -10.77
C ASP A 672 -23.05 34.03 -10.51
N PRO A 673 -22.67 33.60 -9.29
CA PRO A 673 -22.83 32.18 -8.94
C PRO A 673 -24.25 31.66 -9.19
N ARG A 674 -24.34 30.44 -9.69
CA ARG A 674 -25.61 29.81 -10.03
C ARG A 674 -25.41 28.31 -10.14
N GLU A 675 -26.50 27.57 -10.07
CA GLU A 675 -26.43 26.14 -10.28
C GLU A 675 -26.15 25.85 -11.76
N ILE A 676 -25.36 24.82 -12.02
CA ILE A 676 -25.07 24.43 -13.40
C ILE A 676 -25.18 22.94 -13.61
N SER A 677 -25.38 22.56 -14.85
CA SER A 677 -25.51 21.18 -15.25
C SER A 677 -24.60 20.94 -16.44
N LEU A 678 -23.96 19.78 -16.49
CA LEU A 678 -23.06 19.43 -17.57
C LEU A 678 -23.23 17.99 -18.01
N ARG A 679 -23.00 17.76 -19.29
CA ARG A 679 -22.98 16.41 -19.86
C ARG A 679 -21.91 16.32 -20.95
N VAL A 680 -20.98 15.38 -20.80
CA VAL A 680 -20.03 15.08 -21.87
C VAL A 680 -20.43 13.79 -22.58
N GLY A 681 -20.44 13.84 -23.92
CA GLY A 681 -20.82 12.70 -24.76
C GLY A 681 -22.18 12.12 -24.35
N ASN A 682 -22.25 10.79 -24.33
CA ASN A 682 -23.45 10.07 -23.90
C ASN A 682 -23.44 9.80 -22.41
N GLY A 683 -22.45 10.38 -21.71
CA GLY A 683 -22.19 10.04 -20.30
C GLY A 683 -23.26 10.56 -19.35
N PRO A 684 -22.98 10.50 -18.04
CA PRO A 684 -23.96 11.04 -17.09
C PRO A 684 -24.09 12.56 -17.18
N THR A 685 -25.23 13.06 -16.69
CA THR A 685 -25.43 14.48 -16.55
C THR A 685 -25.26 14.83 -15.08
N LEU A 686 -24.37 15.78 -14.79
CA LEU A 686 -24.02 16.12 -13.42
C LEU A 686 -24.50 17.53 -13.11
N ALA A 687 -25.14 17.67 -11.96
CA ALA A 687 -25.58 19.00 -11.54
C ALA A 687 -24.80 19.46 -10.33
N PHE A 688 -24.51 20.76 -10.30
CA PHE A 688 -23.66 21.35 -9.27
C PHE A 688 -24.37 22.51 -8.58
N SER A 689 -24.08 22.70 -7.31
CA SER A 689 -24.59 23.83 -6.53
C SER A 689 -23.90 25.12 -7.00
N GLU A 690 -24.41 26.25 -6.55
CA GLU A 690 -23.77 27.54 -6.85
C GLU A 690 -22.38 27.68 -6.21
N GLN A 691 -22.06 26.77 -5.28
CA GLN A 691 -20.69 26.72 -4.70
C GLN A 691 -19.74 25.76 -5.43
N GLY A 692 -20.20 25.19 -6.56
CA GLY A 692 -19.37 24.38 -7.45
C GLY A 692 -19.22 22.94 -7.00
N LEU A 693 -20.14 22.48 -6.17
CA LEU A 693 -20.09 21.11 -5.62
C LEU A 693 -21.21 20.27 -6.17
N LEU A 694 -20.89 19.01 -6.46
CA LEU A 694 -21.87 18.07 -6.96
C LEU A 694 -23.11 18.00 -6.09
N LYS A 695 -24.28 18.03 -6.74
CA LYS A 695 -25.58 17.81 -6.08
C LYS A 695 -26.33 16.57 -6.52
N SER A 696 -26.18 16.20 -7.79
CA SER A 696 -26.86 15.05 -8.37
C SER A 696 -26.20 14.47 -9.62
N ILE A 697 -26.49 13.19 -9.88
CA ILE A 697 -26.03 12.50 -11.07
C ILE A 697 -27.21 11.84 -11.77
N GLN A 698 -27.38 12.13 -13.05
CA GLN A 698 -28.40 11.49 -13.86
C GLN A 698 -27.70 10.58 -14.85
N LEU A 699 -27.91 9.27 -14.68
CA LEU A 699 -27.17 8.28 -15.46
C LEU A 699 -27.50 8.28 -16.95
N THR A 700 -28.80 8.36 -17.27
CA THR A 700 -29.24 8.35 -18.67
C THR A 700 -30.25 9.46 -18.93
N GLN A 701 -30.60 9.63 -20.21
CA GLN A 701 -31.61 10.62 -20.60
C GLN A 701 -32.89 10.59 -19.77
N ASP A 702 -33.46 9.39 -19.58
CA ASP A 702 -34.74 9.24 -18.90
C ASP A 702 -34.67 9.18 -17.37
N SER A 703 -33.54 8.69 -16.84
CA SER A 703 -33.40 8.36 -15.42
C SER A 703 -33.51 9.56 -14.44
N PRO A 704 -33.72 9.27 -13.14
CA PRO A 704 -33.79 10.30 -12.09
C PRO A 704 -32.47 11.03 -11.88
N HIS A 705 -32.56 12.24 -11.35
CA HIS A 705 -31.40 12.96 -10.87
C HIS A 705 -31.16 12.51 -9.44
N VAL A 706 -30.24 11.55 -9.30
CA VAL A 706 -29.99 10.90 -8.04
C VAL A 706 -29.18 11.87 -7.16
N PRO A 707 -29.70 12.22 -5.96
CA PRO A 707 -28.97 13.07 -5.05
C PRO A 707 -27.63 12.46 -4.63
N VAL A 708 -26.55 13.17 -4.96
CA VAL A 708 -25.18 12.81 -4.60
C VAL A 708 -24.48 14.15 -4.33
N HIS A 709 -24.27 14.47 -3.07
CA HIS A 709 -23.74 15.78 -2.67
C HIS A 709 -22.34 15.70 -2.04
N PHE A 710 -21.37 16.42 -2.61
CA PHE A 710 -20.07 16.59 -1.98
C PHE A 710 -20.13 17.70 -0.93
N LYS A 711 -19.46 17.50 0.19
CA LYS A 711 -19.38 18.46 1.29
C LYS A 711 -18.01 18.32 1.91
N PHE A 712 -17.41 19.43 2.31
CA PHE A 712 -16.16 19.44 3.05
C PHE A 712 -16.43 19.87 4.47
N LEU A 713 -15.85 19.10 5.40
CA LEU A 713 -16.01 19.36 6.83
C LEU A 713 -14.65 19.30 7.53
N LYS A 714 -14.61 19.66 8.79
CA LYS A 714 -13.39 19.63 9.57
C LYS A 714 -13.63 18.99 10.91
N TYR A 715 -12.68 18.13 11.31
CA TYR A 715 -12.59 17.61 12.66
C TYR A 715 -11.56 18.42 13.43
N GLY A 716 -11.75 18.53 14.73
CA GLY A 716 -10.80 19.17 15.60
C GLY A 716 -10.14 18.17 16.53
N VAL A 717 -9.49 18.71 17.55
CA VAL A 717 -8.79 17.95 18.55
C VAL A 717 -9.35 18.25 19.95
N ARG A 718 -9.30 17.28 20.84
CA ARG A 718 -9.80 17.45 22.21
C ARG A 718 -8.98 18.44 23.03
N SER A 719 -9.67 19.25 23.82
CA SER A 719 -9.01 20.24 24.70
C SER A 719 -8.47 19.66 26.00
N HIS A 720 -9.04 18.54 26.45
CA HIS A 720 -8.49 17.81 27.60
C HIS A 720 -8.40 16.31 27.30
N GLY A 721 -7.49 15.65 28.00
CA GLY A 721 -7.23 14.24 27.74
C GLY A 721 -6.40 14.07 26.49
N ASP A 722 -6.47 12.89 25.91
CA ASP A 722 -5.56 12.49 24.85
C ASP A 722 -5.76 13.27 23.55
N ARG A 723 -4.64 13.67 22.97
CA ARG A 723 -4.63 14.43 21.72
C ARG A 723 -4.30 13.55 20.49
N SER A 724 -5.02 13.81 19.41
CA SER A 724 -4.66 13.26 18.11
C SER A 724 -3.24 13.62 17.74
N GLY A 725 -2.57 12.70 17.05
CA GLY A 725 -1.22 12.91 16.53
C GLY A 725 -1.08 12.09 15.25
N ALA A 726 0.16 11.76 14.89
CA ALA A 726 0.44 11.02 13.65
C ALA A 726 -0.26 9.66 13.60
N TYR A 727 -0.39 9.00 14.75
CA TYR A 727 -1.01 7.67 14.84
C TYR A 727 -2.50 7.74 15.13
N LEU A 728 -2.84 8.50 16.17
CA LEU A 728 -4.20 8.47 16.75
C LEU A 728 -5.13 9.52 16.19
N PHE A 729 -6.36 9.12 15.92
CA PHE A 729 -7.45 10.02 15.55
C PHE A 729 -8.40 10.09 16.76
N LEU A 730 -8.42 11.24 17.43
CA LEU A 730 -9.20 11.43 18.65
C LEU A 730 -10.04 12.70 18.49
N PRO A 731 -11.07 12.63 17.64
CA PRO A 731 -11.83 13.87 17.31
C PRO A 731 -12.57 14.42 18.52
N ASN A 732 -12.76 15.74 18.53
CA ASN A 732 -13.64 16.38 19.50
C ASN A 732 -15.07 16.43 18.96
N GLY A 733 -15.62 15.25 18.66
CA GLY A 733 -16.99 15.17 18.15
C GLY A 733 -17.07 15.09 16.65
N PRO A 734 -18.30 14.91 16.13
CA PRO A 734 -18.50 14.86 14.69
C PRO A 734 -17.98 16.13 14.00
N ALA A 735 -17.64 15.99 12.72
CA ALA A 735 -17.06 17.10 11.95
C ALA A 735 -18.03 18.27 11.77
N SER A 736 -17.47 19.48 11.62
CA SER A 736 -18.27 20.68 11.36
C SER A 736 -18.07 21.14 9.93
N PRO A 737 -19.13 21.62 9.27
CA PRO A 737 -18.98 22.06 7.88
C PRO A 737 -17.90 23.13 7.71
N VAL A 738 -17.07 23.01 6.67
CA VAL A 738 -16.17 24.13 6.33
C VAL A 738 -17.05 25.31 5.88
N GLU A 739 -16.80 26.48 6.44
CA GLU A 739 -17.46 27.71 6.00
CA GLU A 739 -17.51 27.66 5.96
C GLU A 739 -16.93 28.13 4.63
N LEU A 740 -17.77 28.06 3.61
CA LEU A 740 -17.35 28.25 2.20
C LEU A 740 -17.34 29.68 1.68
N GLY A 741 -18.09 30.56 2.34
CA GLY A 741 -18.25 31.95 1.88
C GLY A 741 -18.91 31.96 0.52
N GLN A 742 -18.40 32.81 -0.38
CA GLN A 742 -18.93 32.83 -1.74
C GLN A 742 -17.80 32.44 -2.70
N PRO A 743 -17.54 31.13 -2.86
CA PRO A 743 -16.35 30.76 -3.61
C PRO A 743 -16.42 31.00 -5.13
N VAL A 744 -15.25 31.21 -5.74
CA VAL A 744 -15.15 31.39 -7.18
C VAL A 744 -15.22 30.02 -7.86
N VAL A 745 -16.09 29.90 -8.87
CA VAL A 745 -16.32 28.65 -9.60
C VAL A 745 -15.97 28.82 -11.09
N LEU A 746 -15.12 27.94 -11.61
CA LEU A 746 -14.74 27.93 -13.02
C LEU A 746 -15.33 26.73 -13.73
N VAL A 747 -16.10 26.98 -14.79
CA VAL A 747 -16.70 25.94 -15.60
C VAL A 747 -16.03 25.96 -16.96
N THR A 748 -15.45 24.83 -17.35
CA THR A 748 -14.87 24.66 -18.68
C THR A 748 -15.69 23.60 -19.39
N LYS A 749 -16.21 23.93 -20.57
CA LYS A 749 -17.08 23.04 -21.32
C LYS A 749 -16.47 22.73 -22.67
N GLY A 750 -16.18 21.45 -22.91
CA GLY A 750 -15.57 21.02 -24.16
C GLY A 750 -16.23 19.77 -24.68
N LYS A 751 -15.98 19.46 -25.95
CA LYS A 751 -16.56 18.28 -26.59
C LYS A 751 -16.01 16.99 -25.98
N LEU A 752 -14.72 17.00 -25.60
CA LEU A 752 -14.07 15.80 -25.08
C LEU A 752 -13.94 15.81 -23.58
N GLU A 753 -13.80 16.99 -22.99
CA GLU A 753 -13.61 17.10 -21.55
C GLU A 753 -14.23 18.40 -21.03
N SER A 754 -14.97 18.27 -19.94
CA SER A 754 -15.54 19.43 -19.24
C SER A 754 -15.19 19.31 -17.77
N SER A 755 -15.25 20.43 -17.06
CA SER A 755 -14.92 20.44 -15.63
C SER A 755 -15.57 21.59 -14.88
N VAL A 756 -15.78 21.38 -13.59
CA VAL A 756 -16.16 22.42 -12.65
C VAL A 756 -15.12 22.45 -11.55
N SER A 757 -14.47 23.60 -11.35
CA SER A 757 -13.45 23.76 -10.33
C SER A 757 -13.84 24.89 -9.39
N VAL A 758 -13.61 24.71 -8.10
CA VAL A 758 -13.96 25.73 -7.11
C VAL A 758 -12.86 25.90 -6.07
N GLY A 759 -12.54 27.16 -5.77
CA GLY A 759 -11.54 27.47 -4.77
C GLY A 759 -12.15 27.60 -3.39
N LEU A 760 -12.12 26.51 -2.63
CA LEU A 760 -12.62 26.48 -1.26
C LEU A 760 -11.47 26.69 -0.29
N PRO A 761 -11.77 27.04 0.98
CA PRO A 761 -10.71 27.15 1.98
C PRO A 761 -9.99 25.80 2.13
N SER A 762 -8.68 25.84 1.91
CA SER A 762 -7.78 24.67 1.95
C SER A 762 -7.87 23.67 0.81
N VAL A 763 -8.81 23.84 -0.12
CA VAL A 763 -9.02 22.85 -1.19
C VAL A 763 -9.47 23.49 -2.48
N VAL A 764 -8.71 23.30 -3.55
CA VAL A 764 -9.28 23.54 -4.87
C VAL A 764 -9.86 22.21 -5.37
N HIS A 765 -11.20 22.17 -5.48
CA HIS A 765 -11.99 20.95 -5.70
C HIS A 765 -12.41 20.97 -7.15
N GLN A 766 -12.17 19.86 -7.86
CA GLN A 766 -12.39 19.81 -9.30
CA GLN A 766 -12.43 19.82 -9.29
C GLN A 766 -13.15 18.53 -9.66
N THR A 767 -14.19 18.67 -10.48
CA THR A 767 -14.93 17.53 -11.02
C THR A 767 -14.72 17.56 -12.52
N ILE A 768 -14.10 16.50 -13.05
CA ILE A 768 -13.78 16.39 -14.48
C ILE A 768 -14.61 15.31 -15.14
N MET A 769 -15.17 15.63 -16.30
CA MET A 769 -16.08 14.77 -17.01
C MET A 769 -15.52 14.49 -18.39
N ARG A 770 -15.38 13.21 -18.70
CA ARG A 770 -14.89 12.78 -20.01
C ARG A 770 -15.84 11.82 -20.72
N GLY A 771 -17.04 11.68 -20.18
CA GLY A 771 -18.09 10.88 -20.80
C GLY A 771 -18.42 9.60 -20.07
N GLY A 772 -17.70 9.34 -18.98
CA GLY A 772 -18.03 8.25 -18.04
C GLY A 772 -18.11 8.76 -16.62
N ALA A 773 -17.79 7.91 -15.64
CA ALA A 773 -17.73 8.36 -14.25
C ALA A 773 -16.77 9.55 -14.13
N PRO A 774 -17.17 10.59 -13.40
CA PRO A 774 -16.28 11.74 -13.24
C PRO A 774 -15.00 11.38 -12.50
N GLU A 775 -13.98 12.21 -12.76
CA GLU A 775 -12.77 12.20 -12.01
C GLU A 775 -12.86 13.40 -11.07
N ILE A 776 -12.48 13.18 -9.81
CA ILE A 776 -12.37 14.24 -8.83
C ILE A 776 -10.91 14.52 -8.51
N ARG A 777 -10.51 15.79 -8.48
CA ARG A 777 -9.17 16.14 -8.03
C ARG A 777 -9.29 17.19 -6.94
N ASN A 778 -8.59 16.99 -5.82
CA ASN A 778 -8.52 18.00 -4.77
C ASN A 778 -7.10 18.46 -4.60
N LEU A 779 -6.84 19.75 -4.78
CA LEU A 779 -5.56 20.33 -4.44
C LEU A 779 -5.66 20.79 -3.01
N VAL A 780 -5.10 20.00 -2.09
CA VAL A 780 -5.30 20.19 -0.67
C VAL A 780 -4.12 20.91 -0.04
N ASP A 781 -4.38 22.10 0.48
CA ASP A 781 -3.36 22.87 1.20
C ASP A 781 -3.93 23.34 2.53
N ILE A 782 -3.71 22.52 3.57
CA ILE A 782 -4.25 22.79 4.90
C ILE A 782 -3.54 24.00 5.56
N GLY A 783 -2.44 24.46 4.98
CA GLY A 783 -1.81 25.70 5.43
C GLY A 783 -1.39 25.67 6.88
N SER A 784 -1.74 26.73 7.62
CA SER A 784 -1.38 26.81 9.03
C SER A 784 -2.55 26.51 9.96
N LEU A 785 -3.53 25.74 9.47
CA LEU A 785 -4.70 25.38 10.29
C LEU A 785 -4.36 24.27 11.30
N ASP A 786 -3.72 24.63 12.41
CA ASP A 786 -3.37 23.64 13.45
C ASP A 786 -4.58 22.91 14.01
N ASN A 787 -4.37 21.64 14.36
CA ASN A 787 -5.39 20.81 15.02
C ASN A 787 -6.69 20.73 14.21
N THR A 788 -6.51 20.47 12.92
CA THR A 788 -7.60 20.40 11.97
C THR A 788 -7.38 19.17 11.10
N GLU A 789 -8.46 18.42 10.87
CA GLU A 789 -8.47 17.37 9.88
C GLU A 789 -9.58 17.67 8.87
N ILE A 790 -9.22 17.76 7.59
CA ILE A 790 -10.18 18.10 6.54
C ILE A 790 -10.72 16.82 5.91
N VAL A 791 -12.05 16.68 5.90
CA VAL A 791 -12.69 15.50 5.34
C VAL A 791 -13.57 15.87 4.17
N MET A 792 -13.58 15.02 3.16
CA MET A 792 -14.51 15.12 2.05
C MET A 792 -15.60 14.07 2.26
N ARG A 793 -16.85 14.51 2.30
CA ARG A 793 -17.99 13.61 2.51
C ARG A 793 -18.93 13.62 1.29
N LEU A 794 -19.53 12.47 1.03
CA LEU A 794 -20.59 12.30 0.08
C LEU A 794 -21.89 11.95 0.82
N GLU A 795 -22.96 12.70 0.54
CA GLU A 795 -24.27 12.47 1.13
C GLU A 795 -25.22 11.98 0.05
N THR A 796 -25.86 10.83 0.25
CA THR A 796 -26.78 10.25 -0.72
C THR A 796 -28.02 9.74 -0.01
N HIS A 797 -28.94 9.21 -0.81
N HIS A 797 -29.01 9.26 -0.76
CA HIS A 797 -30.17 8.63 -0.32
CA HIS A 797 -30.17 8.61 -0.12
C HIS A 797 -30.06 7.16 -0.04
C HIS A 797 -30.18 7.09 -0.47
N ILE A 798 -28.98 6.54 -0.54
CA ILE A 798 -28.79 5.09 -0.58
C ILE A 798 -29.03 4.53 0.82
N ASP A 799 -29.87 3.51 0.91
CA ASP A 799 -30.29 2.94 2.18
C ASP A 799 -29.29 1.85 2.63
N SER A 800 -28.08 2.30 2.93
CA SER A 800 -27.00 1.42 3.28
C SER A 800 -27.05 0.99 4.73
N GLY A 801 -27.75 1.75 5.58
CA GLY A 801 -27.84 1.44 6.99
C GLY A 801 -26.52 1.59 7.73
N ASP A 802 -26.01 0.48 8.25
CA ASP A 802 -24.74 0.48 8.95
C ASP A 802 -23.62 -0.28 8.19
N ILE A 803 -23.87 -0.62 6.93
CA ILE A 803 -22.91 -1.39 6.10
C ILE A 803 -22.18 -0.51 5.10
N PHE A 804 -20.87 -0.74 4.96
CA PHE A 804 -20.12 -0.17 3.86
C PHE A 804 -18.97 -1.11 3.53
N TYR A 805 -18.25 -0.81 2.47
CA TYR A 805 -17.16 -1.67 2.03
C TYR A 805 -15.91 -0.84 1.82
N THR A 806 -14.77 -1.37 2.25
CA THR A 806 -13.48 -0.74 1.97
C THR A 806 -12.53 -1.83 1.46
N ASP A 807 -11.45 -1.43 0.80
CA ASP A 807 -10.50 -2.44 0.30
C ASP A 807 -9.35 -2.69 1.24
N LEU A 808 -8.70 -3.83 1.03
CA LEU A 808 -7.48 -4.18 1.73
C LEU A 808 -6.37 -4.26 0.70
N ASN A 809 -5.44 -3.31 0.80
CA ASN A 809 -4.22 -3.32 -0.01
C ASN A 809 -4.47 -3.34 -1.53
N GLY A 810 -5.59 -2.80 -1.99
CA GLY A 810 -5.86 -2.80 -3.42
C GLY A 810 -6.14 -4.19 -3.97
N LEU A 811 -6.37 -5.17 -3.07
CA LEU A 811 -6.54 -6.57 -3.45
C LEU A 811 -7.98 -7.08 -3.40
N GLN A 812 -8.70 -6.67 -2.37
CA GLN A 812 -10.00 -7.25 -2.05
C GLN A 812 -10.85 -6.23 -1.33
N PHE A 813 -12.17 -6.34 -1.44
CA PHE A 813 -13.09 -5.50 -0.71
C PHE A 813 -13.73 -6.27 0.43
N ILE A 814 -13.72 -5.68 1.61
CA ILE A 814 -14.22 -6.33 2.82
C ILE A 814 -15.42 -5.55 3.37
N LYS A 815 -16.44 -6.29 3.77
CA LYS A 815 -17.62 -5.71 4.40
C LYS A 815 -17.27 -5.13 5.79
N ARG A 816 -17.66 -3.89 5.98
CA ARG A 816 -17.57 -3.18 7.27
C ARG A 816 -18.97 -2.97 7.84
N ARG A 817 -19.08 -3.00 9.17
CA ARG A 817 -20.33 -2.60 9.81
C ARG A 817 -20.00 -1.52 10.81
N ARG A 818 -20.61 -0.36 10.62
CA ARG A 818 -20.50 0.71 11.58
C ARG A 818 -21.08 0.27 12.92
N LEU A 819 -20.31 0.44 13.99
CA LEU A 819 -20.71 0.07 15.35
C LEU A 819 -20.84 1.30 16.25
N ASP A 820 -22.07 1.64 16.64
CA ASP A 820 -22.25 2.79 17.52
C ASP A 820 -21.76 2.53 18.97
N LYS A 821 -21.52 1.26 19.29
CA LYS A 821 -20.93 0.89 20.58
C LYS A 821 -19.43 1.26 20.64
N LEU A 822 -18.85 1.58 19.48
CA LEU A 822 -17.46 2.02 19.41
C LEU A 822 -17.41 3.52 19.09
N PRO A 823 -16.36 4.23 19.55
CA PRO A 823 -16.23 5.67 19.24
C PRO A 823 -16.00 5.92 17.75
N LEU A 824 -16.25 7.16 17.32
CA LEU A 824 -16.15 7.56 15.91
C LEU A 824 -14.87 7.03 15.23
N GLN A 825 -13.73 7.24 15.89
CA GLN A 825 -12.43 6.92 15.30
C GLN A 825 -12.22 5.41 15.06
N ALA A 826 -12.97 4.58 15.80
CA ALA A 826 -12.94 3.13 15.62
C ALA A 826 -13.62 2.70 14.35
N ASN A 827 -14.56 3.52 13.87
CA ASN A 827 -15.29 3.26 12.64
C ASN A 827 -14.60 3.78 11.38
N TYR A 828 -13.43 4.38 11.55
CA TYR A 828 -12.54 4.70 10.44
C TYR A 828 -11.71 3.48 10.07
N TYR A 829 -11.57 3.28 8.77
CA TYR A 829 -10.81 2.15 8.19
C TYR A 829 -9.86 2.65 7.11
N PRO A 830 -8.84 1.85 6.77
CA PRO A 830 -8.01 2.23 5.63
C PRO A 830 -8.82 2.24 4.32
N ILE A 831 -8.59 3.25 3.48
CA ILE A 831 -9.13 3.28 2.13
C ILE A 831 -7.94 3.25 1.17
N PRO A 832 -7.27 2.09 1.07
CA PRO A 832 -6.06 2.08 0.25
C PRO A 832 -6.31 2.31 -1.23
N SER A 833 -7.50 1.96 -1.71
CA SER A 833 -7.83 2.19 -3.12
C SER A 833 -9.32 2.43 -3.42
N GLY A 834 -10.22 2.08 -2.51
CA GLY A 834 -11.63 2.30 -2.78
C GLY A 834 -12.57 1.97 -1.66
N MET A 835 -13.80 2.47 -1.82
CA MET A 835 -14.84 2.25 -0.83
C MET A 835 -16.20 2.37 -1.51
N PHE A 836 -17.18 1.65 -0.98
CA PHE A 836 -18.55 1.80 -1.51
C PHE A 836 -19.64 1.56 -0.50
N ILE A 837 -20.81 2.12 -0.82
CA ILE A 837 -22.05 1.81 -0.13
C ILE A 837 -23.09 1.41 -1.14
N GLU A 838 -24.02 0.57 -0.70
CA GLU A 838 -25.08 0.13 -1.58
C GLU A 838 -26.36 -0.23 -0.81
N ASP A 839 -27.48 -0.20 -1.53
CA ASP A 839 -28.71 -0.81 -1.05
C ASP A 839 -29.17 -1.81 -2.10
N ALA A 840 -30.46 -2.14 -2.14
CA ALA A 840 -30.91 -3.16 -3.07
C ALA A 840 -30.72 -2.74 -4.52
N ASN A 841 -30.77 -1.44 -4.78
CA ASN A 841 -30.85 -0.93 -6.17
C ASN A 841 -29.67 -0.11 -6.65
N THR A 842 -28.99 0.55 -5.73
CA THR A 842 -28.03 1.60 -6.07
C THR A 842 -26.72 1.45 -5.29
N ARG A 843 -25.60 1.69 -5.97
CA ARG A 843 -24.29 1.68 -5.33
C ARG A 843 -23.55 2.97 -5.71
N LEU A 844 -22.79 3.49 -4.74
CA LEU A 844 -21.84 4.58 -5.00
C LEU A 844 -20.48 4.09 -4.58
N THR A 845 -19.53 4.09 -5.52
CA THR A 845 -18.14 3.66 -5.31
C THR A 845 -17.23 4.88 -5.53
N LEU A 846 -16.34 5.11 -4.57
CA LEU A 846 -15.30 6.10 -4.68
C LEU A 846 -13.94 5.38 -4.76
N LEU A 847 -13.26 5.53 -5.90
CA LEU A 847 -11.93 4.95 -6.10
C LEU A 847 -10.90 6.03 -5.85
N THR A 848 -9.76 5.65 -5.25
CA THR A 848 -8.70 6.61 -4.92
C THR A 848 -7.37 6.34 -5.64
N GLY A 849 -6.61 7.40 -5.85
CA GLY A 849 -5.25 7.27 -6.35
C GLY A 849 -4.19 7.33 -5.25
N GLN A 850 -4.64 7.20 -4.01
CA GLN A 850 -3.79 7.31 -2.83
C GLN A 850 -4.50 6.74 -1.62
N PRO A 851 -3.75 6.10 -0.71
CA PRO A 851 -4.40 5.59 0.50
C PRO A 851 -4.72 6.72 1.49
N LEU A 852 -5.97 6.74 1.98
CA LEU A 852 -6.42 7.70 2.98
C LEU A 852 -7.37 7.00 3.97
N GLY A 853 -7.72 7.64 5.07
CA GLY A 853 -8.65 7.02 6.02
C GLY A 853 -10.08 7.44 5.71
N GLY A 854 -11.04 6.56 5.99
CA GLY A 854 -12.43 6.94 5.70
C GLY A 854 -13.44 6.05 6.41
N SER A 855 -14.71 6.37 6.19
CA SER A 855 -15.79 5.67 6.88
C SER A 855 -17.13 5.95 6.22
N SER A 856 -18.18 5.33 6.75
CA SER A 856 -19.56 5.72 6.48
C SER A 856 -20.20 5.89 7.85
N LEU A 857 -20.34 7.14 8.31
CA LEU A 857 -20.77 7.35 9.70
C LEU A 857 -22.30 7.43 9.87
N ALA A 858 -23.00 7.37 8.74
CA ALA A 858 -24.47 7.37 8.70
C ALA A 858 -24.91 6.75 7.38
N SER A 859 -26.12 6.17 7.37
CA SER A 859 -26.67 5.54 6.18
C SER A 859 -26.60 6.54 5.04
N GLY A 860 -26.18 6.06 3.87
CA GLY A 860 -26.09 6.89 2.68
C GLY A 860 -24.83 7.76 2.53
N GLU A 861 -23.93 7.73 3.52
CA GLU A 861 -22.69 8.52 3.48
C GLU A 861 -21.41 7.74 3.17
N LEU A 862 -20.49 8.43 2.51
CA LEU A 862 -19.09 8.01 2.47
C LEU A 862 -18.26 9.23 2.88
N GLU A 863 -17.14 9.02 3.53
CA GLU A 863 -16.25 10.14 3.77
C GLU A 863 -14.81 9.68 3.79
N ILE A 864 -13.91 10.57 3.42
CA ILE A 864 -12.48 10.21 3.29
C ILE A 864 -11.66 11.43 3.66
N MET A 865 -10.70 11.22 4.56
CA MET A 865 -9.90 12.32 5.08
C MET A 865 -8.86 12.76 4.03
N GLN A 866 -8.68 14.07 3.91
CA GLN A 866 -7.78 14.65 2.92
C GLN A 866 -6.40 15.00 3.45
N ASP A 867 -6.35 15.64 4.63
CA ASP A 867 -5.10 15.91 5.32
C ASP A 867 -5.42 16.23 6.77
N ARG A 868 -4.39 16.24 7.59
CA ARG A 868 -4.55 16.46 9.01
C ARG A 868 -3.28 17.16 9.49
N ARG A 869 -3.47 18.21 10.30
CA ARG A 869 -2.35 18.97 10.84
C ARG A 869 -2.56 19.01 12.35
N LEU A 870 -1.59 18.48 13.08
CA LEU A 870 -1.76 18.21 14.50
C LEU A 870 -0.60 18.77 15.29
N ALA A 871 -0.95 19.60 16.27
CA ALA A 871 0.07 20.29 16.98
C ALA A 871 0.79 19.46 18.07
N SER A 872 0.14 18.42 18.58
CA SER A 872 0.68 17.67 19.71
C SER A 872 1.16 16.28 19.33
N ASP A 873 2.06 15.77 20.16
CA ASP A 873 2.50 14.38 20.10
C ASP A 873 1.45 13.48 20.75
N ASP A 874 1.30 12.26 20.22
CA ASP A 874 0.29 11.31 20.72
C ASP A 874 0.91 10.13 21.50
N GLU A 875 2.10 10.34 22.06
CA GLU A 875 2.64 9.44 23.07
C GLU A 875 2.94 8.01 22.60
N ARG A 876 3.30 7.87 21.31
CA ARG A 876 3.74 6.59 20.77
C ARG A 876 5.19 6.65 20.28
N GLY A 877 5.96 7.57 20.87
CA GLY A 877 7.42 7.62 20.68
C GLY A 877 7.95 8.51 19.58
N LEU A 878 7.05 9.08 18.78
CA LEU A 878 7.45 9.92 17.65
C LEU A 878 8.04 11.25 18.15
N GLY A 879 7.45 11.79 19.23
CA GLY A 879 7.93 13.03 19.86
C GLY A 879 7.75 14.29 19.02
N GLN A 880 6.68 14.32 18.21
CA GLN A 880 6.29 15.49 17.47
C GLN A 880 4.86 15.33 16.98
N GLY A 881 4.22 16.45 16.66
CA GLY A 881 2.96 16.42 15.95
C GLY A 881 3.22 16.28 14.45
N VAL A 882 2.23 16.69 13.68
CA VAL A 882 2.32 16.66 12.23
C VAL A 882 2.10 18.10 11.79
N LEU A 883 3.20 18.82 11.52
CA LEU A 883 3.12 20.26 11.15
C LEU A 883 3.97 20.55 9.91
N ASP A 884 4.21 19.50 9.11
CA ASP A 884 5.04 19.59 7.91
C ASP A 884 4.22 19.34 6.64
N ASN A 885 2.93 19.60 6.74
CA ASN A 885 2.04 19.48 5.59
C ASN A 885 2.53 20.27 4.39
N LYS A 886 2.25 19.76 3.19
CA LYS A 886 2.52 20.50 1.98
C LYS A 886 1.41 20.19 0.99
N PRO A 887 1.20 21.08 -0.01
CA PRO A 887 0.16 20.86 -0.99
C PRO A 887 0.25 19.49 -1.67
N VAL A 888 -0.89 18.82 -1.81
CA VAL A 888 -0.98 17.52 -2.43
C VAL A 888 -2.20 17.49 -3.32
N LEU A 889 -2.05 16.87 -4.49
CA LEU A 889 -3.14 16.66 -5.41
C LEU A 889 -3.70 15.24 -5.23
N HIS A 890 -4.85 15.14 -4.56
CA HIS A 890 -5.54 13.84 -4.44
C HIS A 890 -6.43 13.60 -5.65
N ILE A 891 -6.48 12.34 -6.10
CA ILE A 891 -7.31 11.99 -7.26
C ILE A 891 -8.28 10.84 -6.98
N TYR A 892 -9.44 10.88 -7.65
CA TYR A 892 -10.51 9.90 -7.44
C TYR A 892 -11.32 9.70 -8.69
N ARG A 893 -12.08 8.60 -8.70
CA ARG A 893 -13.20 8.40 -9.63
C ARG A 893 -14.44 8.13 -8.81
N LEU A 894 -15.57 8.70 -9.26
CA LEU A 894 -16.83 8.58 -8.54
C LEU A 894 -17.85 7.85 -9.40
N VAL A 895 -18.24 6.64 -8.98
CA VAL A 895 -19.04 5.76 -9.82
C VAL A 895 -20.40 5.46 -9.16
N LEU A 896 -21.45 6.05 -9.72
CA LEU A 896 -22.82 5.74 -9.31
C LEU A 896 -23.35 4.74 -10.30
N GLU A 897 -23.95 3.65 -9.78
CA GLU A 897 -24.43 2.55 -10.61
C GLU A 897 -25.71 1.94 -10.06
N LYS A 898 -26.55 1.43 -10.96
CA LYS A 898 -27.64 0.56 -10.57
C LYS A 898 -27.10 -0.85 -10.40
N VAL A 899 -27.47 -1.49 -9.30
CA VAL A 899 -26.96 -2.82 -9.00
C VAL A 899 -28.07 -3.86 -8.70
N ASN A 900 -29.32 -3.50 -8.95
CA ASN A 900 -30.43 -4.43 -8.73
C ASN A 900 -30.34 -5.71 -9.58
N ASN A 901 -29.68 -5.62 -10.73
CA ASN A 901 -29.51 -6.77 -11.61
C ASN A 901 -28.22 -7.55 -11.37
N CYS A 902 -27.35 -7.07 -10.49
CA CYS A 902 -26.07 -7.74 -10.22
C CYS A 902 -26.23 -8.96 -9.32
N VAL A 903 -25.49 -10.03 -9.63
CA VAL A 903 -25.41 -11.20 -8.77
C VAL A 903 -24.41 -10.88 -7.65
N ARG A 904 -24.95 -10.60 -6.47
CA ARG A 904 -24.13 -10.21 -5.32
C ARG A 904 -24.03 -11.33 -4.31
N PRO A 905 -23.01 -11.28 -3.44
CA PRO A 905 -22.93 -12.26 -2.36
C PRO A 905 -24.14 -12.15 -1.43
N SER A 906 -24.46 -13.23 -0.73
CA SER A 906 -25.56 -13.21 0.26
C SER A 906 -25.27 -12.24 1.40
N LYS A 907 -26.29 -12.00 2.23
CA LYS A 907 -26.17 -11.03 3.32
C LYS A 907 -25.13 -11.46 4.36
N LEU A 908 -24.83 -12.75 4.42
CA LEU A 908 -23.88 -13.28 5.40
C LEU A 908 -22.43 -13.35 4.88
N HIS A 909 -22.23 -13.07 3.58
CA HIS A 909 -20.88 -13.13 3.01
C HIS A 909 -20.03 -11.93 3.46
N PRO A 910 -18.78 -12.18 3.94
CA PRO A 910 -17.95 -11.06 4.40
C PRO A 910 -17.27 -10.20 3.32
N ALA A 911 -17.37 -10.58 2.05
CA ALA A 911 -16.73 -9.84 0.96
C ALA A 911 -17.71 -9.04 0.10
N GLY A 912 -17.17 -8.11 -0.66
CA GLY A 912 -17.89 -7.47 -1.75
C GLY A 912 -16.98 -7.40 -2.96
N TYR A 913 -17.58 -7.06 -4.11
CA TYR A 913 -16.87 -7.05 -5.38
C TYR A 913 -17.25 -5.85 -6.21
N LEU A 914 -16.27 -5.30 -6.89
CA LEU A 914 -16.50 -4.19 -7.80
C LEU A 914 -17.24 -4.65 -9.06
N THR A 915 -17.85 -3.68 -9.73
CA THR A 915 -18.34 -3.86 -11.09
C THR A 915 -17.20 -3.60 -12.09
N SER A 916 -17.39 -3.98 -13.35
CA SER A 916 -16.44 -3.64 -14.41
C SER A 916 -16.10 -2.15 -14.47
N ALA A 917 -17.11 -1.29 -14.45
CA ALA A 917 -16.87 0.16 -14.53
C ALA A 917 -16.00 0.68 -13.37
N ALA A 918 -16.26 0.17 -12.18
CA ALA A 918 -15.53 0.62 -11.00
C ALA A 918 -14.08 0.11 -11.01
N HIS A 919 -13.91 -1.15 -11.41
CA HIS A 919 -12.58 -1.72 -11.58
C HIS A 919 -11.77 -0.93 -12.62
N LYS A 920 -12.34 -0.69 -13.80
CA LYS A 920 -11.65 0.12 -14.81
C LYS A 920 -11.31 1.51 -14.30
N ALA A 921 -12.24 2.11 -13.55
CA ALA A 921 -12.01 3.42 -12.95
C ALA A 921 -10.82 3.38 -11.98
N SER A 922 -10.74 2.33 -11.17
CA SER A 922 -9.55 2.18 -10.31
C SER A 922 -8.23 2.08 -11.12
N GLN A 923 -8.26 1.27 -12.19
CA GLN A 923 -7.08 1.12 -13.05
C GLN A 923 -6.65 2.45 -13.69
N SER A 924 -7.63 3.32 -13.99
CA SER A 924 -7.33 4.62 -14.61
C SER A 924 -6.57 5.55 -13.69
N LEU A 925 -6.74 5.37 -12.37
CA LEU A 925 -6.07 6.13 -11.35
C LEU A 925 -4.69 5.54 -11.03
N LEU A 926 -4.61 4.22 -10.90
CA LEU A 926 -3.36 3.59 -10.46
C LEU A 926 -2.39 3.31 -11.57
N ASP A 927 -2.91 2.94 -12.75
CA ASP A 927 -2.05 2.63 -13.88
C ASP A 927 -2.50 3.32 -15.17
N PRO A 928 -2.40 4.65 -15.22
CA PRO A 928 -2.83 5.40 -16.39
C PRO A 928 -1.85 5.13 -17.54
N LEU A 929 -2.18 5.61 -18.75
CA LEU A 929 -1.19 5.64 -19.80
C LEU A 929 0.00 6.50 -19.39
N ASP A 930 1.20 6.05 -19.77
CA ASP A 930 2.38 6.90 -19.64
C ASP A 930 2.56 7.71 -20.91
N LYS A 931 3.02 8.95 -20.76
CA LYS A 931 3.19 9.88 -21.87
C LYS A 931 4.65 10.31 -22.01
N PHE A 932 5.16 10.26 -23.25
CA PHE A 932 6.55 10.59 -23.55
C PHE A 932 6.59 11.65 -24.67
N ILE A 933 7.38 12.70 -24.48
CA ILE A 933 7.57 13.73 -25.53
C ILE A 933 8.96 13.56 -26.10
N PHE A 934 9.07 13.40 -27.43
CA PHE A 934 10.40 13.28 -28.03
C PHE A 934 11.20 14.56 -27.81
N ALA A 935 12.44 14.40 -27.32
CA ALA A 935 13.21 15.56 -26.87
C ALA A 935 13.92 16.37 -27.96
N GLU A 936 14.42 15.71 -29.02
CA GLU A 936 15.13 16.41 -30.09
C GLU A 936 14.16 16.83 -31.20
N ASN A 937 14.66 17.47 -32.26
CA ASN A 937 13.76 17.99 -33.30
C ASN A 937 13.21 16.94 -34.22
N GLU A 938 14.04 15.95 -34.55
CA GLU A 938 13.64 14.90 -35.47
C GLU A 938 14.02 13.53 -34.95
N TRP A 939 13.05 12.62 -34.98
CA TRP A 939 13.26 11.24 -34.56
C TRP A 939 13.40 10.40 -35.82
N ILE A 940 14.65 10.09 -36.16
CA ILE A 940 14.95 9.31 -37.37
C ILE A 940 14.60 7.84 -37.11
N GLY A 941 13.84 7.24 -38.03
CA GLY A 941 13.47 5.83 -37.91
C GLY A 941 12.27 5.50 -37.02
N ALA A 942 11.47 6.52 -36.68
CA ALA A 942 10.33 6.36 -35.78
C ALA A 942 9.28 5.40 -36.31
N GLN A 943 8.71 4.59 -35.42
CA GLN A 943 7.63 3.68 -35.76
C GLN A 943 6.36 4.06 -35.01
N GLY A 944 5.23 3.61 -35.55
CA GLY A 944 3.92 4.06 -35.10
C GLY A 944 3.37 3.31 -33.90
N GLN A 945 3.83 2.06 -33.71
CA GLN A 945 3.18 1.19 -32.74
C GLN A 945 4.10 0.06 -32.30
N PHE A 946 3.94 -0.35 -31.04
CA PHE A 946 4.55 -1.59 -30.53
C PHE A 946 3.48 -2.37 -29.80
N GLY A 947 3.41 -3.68 -30.03
CA GLY A 947 2.52 -4.55 -29.28
C GLY A 947 1.16 -4.79 -29.91
N GLY A 948 0.99 -4.36 -31.17
CA GLY A 948 -0.27 -4.59 -31.89
C GLY A 948 -0.67 -6.06 -31.91
N ASP A 949 0.32 -6.95 -31.84
CA ASP A 949 0.05 -8.39 -31.84
C ASP A 949 -0.08 -9.02 -30.44
N HIS A 950 0.06 -8.21 -29.39
CA HIS A 950 -0.12 -8.74 -28.03
C HIS A 950 -1.58 -9.13 -27.78
N PRO A 951 -1.84 -10.28 -27.11
CA PRO A 951 -3.21 -10.64 -26.78
C PRO A 951 -3.91 -9.64 -25.86
N SER A 952 -5.17 -9.38 -26.13
CA SER A 952 -5.97 -8.46 -25.34
C SER A 952 -6.83 -9.29 -24.38
N ALA A 953 -6.35 -9.38 -23.15
CA ALA A 953 -6.87 -10.33 -22.18
C ALA A 953 -8.17 -9.87 -21.56
N ARG A 954 -8.93 -10.82 -21.02
CA ARG A 954 -10.18 -10.50 -20.34
C ARG A 954 -9.99 -9.40 -19.30
N GLU A 955 -11.02 -8.57 -19.14
CA GLU A 955 -10.87 -7.33 -18.35
C GLU A 955 -10.49 -7.54 -16.88
N ASP A 956 -10.79 -8.71 -16.34
CA ASP A 956 -10.54 -8.97 -14.91
C ASP A 956 -9.10 -9.48 -14.68
N LEU A 957 -8.35 -9.68 -15.75
CA LEU A 957 -6.95 -10.19 -15.64
C LEU A 957 -5.91 -9.07 -15.80
N ASP A 958 -4.89 -9.08 -14.95
CA ASP A 958 -3.80 -8.13 -15.07
C ASP A 958 -2.46 -8.86 -15.02
N VAL A 959 -1.46 -8.31 -15.75
CA VAL A 959 -0.06 -8.70 -15.62
C VAL A 959 0.51 -7.67 -14.66
N SER A 960 0.41 -8.01 -13.38
CA SER A 960 0.79 -7.08 -12.30
C SER A 960 2.29 -6.75 -12.36
N VAL A 961 3.08 -7.76 -12.75
CA VAL A 961 4.52 -7.63 -12.88
C VAL A 961 5.00 -8.34 -14.14
N MET A 962 5.86 -7.67 -14.90
CA MET A 962 6.68 -8.32 -15.90
C MET A 962 8.11 -7.88 -15.61
N ARG A 963 8.99 -8.85 -15.39
CA ARG A 963 10.35 -8.56 -14.97
C ARG A 963 11.32 -9.55 -15.61
N ARG A 964 12.27 -9.04 -16.40
CA ARG A 964 13.35 -9.93 -16.87
C ARG A 964 14.25 -10.26 -15.68
N LEU A 965 14.53 -11.54 -15.52
CA LEU A 965 15.23 -12.05 -14.31
C LEU A 965 16.73 -12.32 -14.52
N THR A 966 17.18 -12.26 -15.77
CA THR A 966 18.56 -12.56 -16.16
C THR A 966 19.20 -11.36 -16.82
N LYS A 967 20.50 -11.22 -16.62
CA LYS A 967 21.33 -10.23 -17.29
C LYS A 967 21.72 -10.75 -18.69
N SER A 968 22.32 -9.88 -19.50
CA SER A 968 22.52 -10.20 -20.92
C SER A 968 23.50 -11.36 -21.18
N SER A 969 24.38 -11.64 -20.23
CA SER A 969 25.36 -12.71 -20.42
C SER A 969 24.81 -14.14 -20.18
N ALA A 970 23.58 -14.26 -19.67
CA ALA A 970 22.93 -15.57 -19.50
C ALA A 970 22.53 -16.20 -20.82
N LYS A 971 23.10 -17.39 -21.12
CA LYS A 971 22.70 -18.14 -22.29
C LYS A 971 21.17 -18.36 -22.38
N THR A 972 20.56 -18.76 -21.28
CA THR A 972 19.11 -18.92 -21.22
C THR A 972 18.51 -17.70 -20.51
N GLN A 973 17.79 -16.89 -21.27
CA GLN A 973 17.09 -15.74 -20.69
C GLN A 973 15.82 -16.19 -19.95
N ARG A 974 15.52 -15.52 -18.82
CA ARG A 974 14.31 -15.84 -18.05
C ARG A 974 13.51 -14.57 -17.79
N VAL A 975 12.20 -14.64 -18.01
CA VAL A 975 11.29 -13.51 -17.76
C VAL A 975 10.19 -13.97 -16.82
N GLY A 976 9.97 -13.20 -15.75
CA GLY A 976 8.94 -13.51 -14.76
C GLY A 976 7.70 -12.66 -14.93
N TYR A 977 6.56 -13.30 -14.71
CA TYR A 977 5.26 -12.62 -14.77
C TYR A 977 4.48 -12.92 -13.48
N VAL A 978 3.84 -11.90 -12.90
CA VAL A 978 2.83 -12.10 -11.86
C VAL A 978 1.47 -11.78 -12.50
N LEU A 979 0.59 -12.76 -12.52
CA LEU A 979 -0.76 -12.62 -13.11
C LEU A 979 -1.79 -12.59 -12.01
N HIS A 980 -2.66 -11.58 -12.02
CA HIS A 980 -3.68 -11.44 -11.02
C HIS A 980 -5.05 -11.35 -11.70
N ARG A 981 -5.97 -12.21 -11.31
CA ARG A 981 -7.34 -12.03 -11.75
CA ARG A 981 -7.35 -12.08 -11.75
C ARG A 981 -8.20 -11.62 -10.58
N THR A 982 -8.87 -10.48 -10.75
CA THR A 982 -9.84 -10.01 -9.78
C THR A 982 -11.17 -10.75 -10.00
N ASN A 983 -12.18 -10.37 -9.23
CA ASN A 983 -13.52 -10.87 -9.46
C ASN A 983 -14.48 -9.70 -9.61
N LEU A 984 -15.13 -9.64 -10.77
CA LEU A 984 -16.08 -8.56 -11.07
C LEU A 984 -17.49 -9.09 -11.02
N MET A 985 -18.42 -8.25 -10.56
CA MET A 985 -19.82 -8.68 -10.48
C MET A 985 -20.45 -8.93 -11.84
N GLN A 986 -21.26 -9.99 -11.90
CA GLN A 986 -22.07 -10.26 -13.08
CA GLN A 986 -22.07 -10.26 -13.08
C GLN A 986 -23.32 -9.42 -12.98
N CYS A 987 -23.48 -8.47 -13.90
CA CYS A 987 -24.64 -7.57 -13.87
C CYS A 987 -25.42 -7.53 -15.18
N GLY A 988 -25.24 -8.54 -16.02
CA GLY A 988 -26.04 -8.65 -17.24
C GLY A 988 -25.44 -8.06 -18.50
N THR A 989 -24.19 -7.62 -18.42
CA THR A 989 -23.48 -7.17 -19.62
C THR A 989 -22.86 -8.37 -20.31
N PRO A 990 -23.26 -8.64 -21.57
CA PRO A 990 -22.65 -9.77 -22.28
C PRO A 990 -21.14 -9.57 -22.40
N GLU A 991 -20.40 -10.63 -22.09
CA GLU A 991 -18.95 -10.63 -22.24
C GLU A 991 -18.58 -10.75 -23.73
N GLU A 992 -17.67 -9.91 -24.19
CA GLU A 992 -17.16 -10.09 -25.55
C GLU A 992 -16.06 -11.14 -25.53
N HIS A 993 -15.98 -11.92 -26.62
CA HIS A 993 -14.87 -12.81 -26.83
C HIS A 993 -13.57 -12.00 -26.75
N THR A 994 -12.67 -12.42 -25.86
CA THR A 994 -11.33 -11.85 -25.76
C THR A 994 -10.33 -12.96 -26.05
N GLN A 995 -9.04 -12.62 -26.05
CA GLN A 995 -8.01 -13.61 -26.33
C GLN A 995 -7.41 -14.16 -25.05
N LYS A 996 -7.15 -15.47 -25.06
CA LYS A 996 -6.37 -16.13 -24.02
C LYS A 996 -5.00 -15.47 -23.93
N LEU A 997 -4.58 -15.10 -22.72
CA LEU A 997 -3.24 -14.56 -22.54
C LEU A 997 -2.35 -15.68 -22.04
N ASP A 998 -1.32 -16.01 -22.81
CA ASP A 998 -0.31 -16.96 -22.38
C ASP A 998 1.02 -16.21 -22.26
N VAL A 999 1.37 -15.85 -21.03
CA VAL A 999 2.55 -15.03 -20.85
C VAL A 999 3.83 -15.71 -21.32
N CYS A 1000 3.85 -17.03 -21.28
CA CYS A 1000 5.07 -17.74 -21.68
C CYS A 1000 5.43 -17.61 -23.16
N HIS A 1001 4.48 -17.18 -23.99
CA HIS A 1001 4.74 -16.96 -25.41
C HIS A 1001 4.77 -15.48 -25.81
N LEU A 1002 4.85 -14.59 -24.82
CA LEU A 1002 4.95 -13.15 -25.12
C LEU A 1002 6.31 -12.80 -25.73
N LEU A 1003 7.36 -13.52 -25.33
CA LEU A 1003 8.67 -13.38 -25.94
C LEU A 1003 8.96 -14.63 -26.79
N PRO A 1004 9.66 -14.44 -27.93
CA PRO A 1004 9.85 -15.54 -28.87
C PRO A 1004 10.87 -16.57 -28.36
N ASN A 1005 10.94 -17.72 -29.03
CA ASN A 1005 11.93 -18.75 -28.73
C ASN A 1005 11.82 -19.31 -27.31
N VAL A 1006 10.58 -19.48 -26.82
CA VAL A 1006 10.37 -20.08 -25.51
C VAL A 1006 10.83 -21.54 -25.54
N ALA A 1007 11.59 -21.91 -24.52
CA ALA A 1007 12.15 -23.26 -24.35
C ALA A 1007 11.55 -23.97 -23.14
N ARG A 1008 11.05 -23.20 -22.16
CA ARG A 1008 10.49 -23.74 -20.93
C ARG A 1008 9.55 -22.70 -20.34
N CYS A 1009 8.50 -23.18 -19.66
CA CYS A 1009 7.55 -22.32 -18.92
C CYS A 1009 7.29 -23.02 -17.60
N GLU A 1010 7.51 -22.30 -16.50
CA GLU A 1010 7.32 -22.84 -15.17
C GLU A 1010 6.38 -21.97 -14.34
N ARG A 1011 5.52 -22.60 -13.57
CA ARG A 1011 4.80 -21.87 -12.52
C ARG A 1011 5.72 -21.80 -11.31
N THR A 1012 5.84 -20.62 -10.72
CA THR A 1012 6.72 -20.40 -9.56
C THR A 1012 5.96 -19.77 -8.37
N THR A 1013 6.60 -19.73 -7.20
CA THR A 1013 6.16 -18.85 -6.12
C THR A 1013 6.16 -17.41 -6.59
N LEU A 1014 5.42 -16.54 -5.89
CA LEU A 1014 5.22 -15.17 -6.40
C LEU A 1014 6.49 -14.33 -6.44
N THR A 1015 7.50 -14.78 -5.70
CA THR A 1015 8.81 -14.13 -5.63
C THR A 1015 9.74 -14.62 -6.76
N PHE A 1016 9.27 -15.61 -7.52
CA PHE A 1016 10.01 -16.30 -8.63
C PHE A 1016 11.13 -17.21 -8.12
N LEU A 1017 11.20 -17.48 -6.81
CA LEU A 1017 12.39 -18.13 -6.24
C LEU A 1017 12.32 -19.66 -6.20
N GLN A 1018 11.15 -20.24 -6.43
CA GLN A 1018 11.03 -21.69 -6.47
C GLN A 1018 10.09 -22.10 -7.59
N ASN A 1019 10.49 -23.12 -8.34
CA ASN A 1019 9.68 -23.67 -9.41
C ASN A 1019 8.67 -24.66 -8.81
N LEU A 1020 7.39 -24.48 -9.14
CA LEU A 1020 6.32 -25.30 -8.60
C LEU A 1020 5.77 -26.31 -9.61
N GLU A 1021 5.83 -25.97 -10.89
CA GLU A 1021 5.26 -26.81 -11.93
C GLU A 1021 5.93 -26.56 -13.26
N HIS A 1022 6.29 -27.64 -13.95
CA HIS A 1022 6.84 -27.55 -15.29
C HIS A 1022 5.67 -27.69 -16.24
N LEU A 1023 5.46 -26.69 -17.08
CA LEU A 1023 4.18 -26.54 -17.78
C LEU A 1023 4.13 -27.17 -19.17
N ASP A 1024 3.11 -27.99 -19.39
CA ASP A 1024 2.88 -28.64 -20.69
C ASP A 1024 2.75 -27.68 -21.86
N GLY A 1025 3.52 -27.95 -22.91
CA GLY A 1025 3.48 -27.16 -24.13
C GLY A 1025 3.95 -25.73 -23.94
N MET A 1026 4.63 -25.47 -22.81
CA MET A 1026 5.13 -24.12 -22.49
C MET A 1026 4.01 -23.07 -22.49
N VAL A 1027 2.85 -23.48 -22.02
CA VAL A 1027 1.67 -22.61 -21.93
C VAL A 1027 1.37 -22.30 -20.47
N ALA A 1028 1.31 -21.01 -20.15
CA ALA A 1028 0.97 -20.55 -18.80
C ALA A 1028 -0.54 -20.40 -18.74
N PRO A 1029 -1.22 -21.26 -17.95
CA PRO A 1029 -2.68 -21.13 -17.83
C PRO A 1029 -3.10 -19.82 -17.13
N GLU A 1030 -4.25 -19.27 -17.50
CA GLU A 1030 -4.79 -18.15 -16.74
C GLU A 1030 -5.29 -18.63 -15.36
N VAL A 1031 -5.41 -17.68 -14.45
CA VAL A 1031 -5.71 -17.96 -13.08
C VAL A 1031 -7.19 -17.78 -12.81
N CYS A 1032 -7.63 -18.29 -11.66
CA CYS A 1032 -9.01 -18.22 -11.22
C CYS A 1032 -9.33 -16.84 -10.63
N PRO A 1033 -10.63 -16.47 -10.59
CA PRO A 1033 -10.97 -15.21 -9.91
C PRO A 1033 -10.44 -15.16 -8.48
N MET A 1034 -9.82 -14.02 -8.15
CA MET A 1034 -9.19 -13.75 -6.84
C MET A 1034 -7.85 -14.43 -6.62
N GLU A 1035 -7.38 -15.14 -7.63
CA GLU A 1035 -6.08 -15.80 -7.54
C GLU A 1035 -4.99 -15.00 -8.23
N THR A 1036 -3.75 -15.25 -7.79
CA THR A 1036 -2.55 -14.62 -8.30
C THR A 1036 -1.57 -15.78 -8.48
N ALA A 1037 -0.95 -15.83 -9.66
CA ALA A 1037 0.04 -16.85 -10.00
C ALA A 1037 1.26 -16.18 -10.59
N ALA A 1038 2.40 -16.86 -10.53
CA ALA A 1038 3.61 -16.37 -11.12
C ALA A 1038 4.12 -17.44 -12.09
N TYR A 1039 4.65 -16.96 -13.22
CA TYR A 1039 5.24 -17.80 -14.25
C TYR A 1039 6.60 -17.27 -14.67
N VAL A 1040 7.49 -18.18 -15.04
CA VAL A 1040 8.77 -17.80 -15.60
C VAL A 1040 8.95 -18.53 -16.92
N SER A 1041 9.15 -17.75 -17.98
CA SER A 1041 9.46 -18.29 -19.30
C SER A 1041 10.97 -18.23 -19.53
N SER A 1042 11.50 -19.31 -20.12
CA SER A 1042 12.92 -19.41 -20.43
C SER A 1042 13.08 -19.42 -21.95
N HIS A 1043 14.09 -18.69 -22.44
CA HIS A 1043 14.24 -18.44 -23.87
C HIS A 1043 15.65 -18.73 -24.31
N SER A 1044 15.73 -19.50 -25.40
CA SER A 1044 17.00 -19.99 -25.88
C SER A 1044 17.61 -18.99 -26.84
N SER A 1045 16.81 -18.01 -27.22
CA SER A 1045 17.20 -16.94 -28.12
C SER A 1045 16.25 -15.76 -27.95
#